data_9HUB
#
_entry.id   9HUB
#
_cell.length_a   79.051
_cell.length_b   84.735
_cell.length_c   102.829
_cell.angle_alpha   90.000
_cell.angle_beta   90.000
_cell.angle_gamma   90.000
#
_symmetry.space_group_name_H-M   'P 21 21 21'
#
loop_
_entity.id
_entity.type
_entity.pdbx_description
1 polymer 'heavy chain'
2 polymer Alpha-bungarotoxin
3 polymer 'light chain'
4 non-polymer 1,2-ETHANEDIOL
5 water water
#
loop_
_entity_poly.entity_id
_entity_poly.type
_entity_poly.pdbx_seq_one_letter_code
_entity_poly.pdbx_strand_id
1 'polypeptide(L)'
;GASNFMLTQPRSVSESPGKTVTISCTRSSGSIGSDYVHWYQQRPGSSPTTVIYEDNQRPSGVPDRFSGSIDSSSNSASLT
ISGLKTEDEADYYCQSYDRSNHEVVFGGGTKLTVLENLYFQ
;
C,M
2 'polypeptide(L)'
;MKTLLLTLVVVTIVCLDLGYTIVCHTTATSPISAVTCPPGENLCYRKMWCDAFCSSRGKVVELGCAATCPSKKPYEEVTC
CSTDKCNPHPKQRPG
;
X,Z
3 'polypeptide(L)'
;AQVQLVQSGAEVKKPGSSVKVSCKASGGTFSSYAISWVRQAPGQGLEWMGGIIPIFGTANYAQKFQGRVTITADESTSTA
YMELRSLRSDDTAVYYCARDNLGYCSGGSCYSDYYYYYMDVWGQGTLVTVSSGGGGSGGGGSGG
;
I,B
#
# COMPACT_ATOMS: atom_id res chain seq x y z
N ALA A 2 -0.81 -5.39 34.55
CA ALA A 2 0.29 -4.47 34.31
C ALA A 2 1.44 -5.17 33.58
N SER A 3 1.55 -6.48 33.76
CA SER A 3 2.59 -7.25 33.10
C SER A 3 2.26 -7.44 31.62
N ASN A 4 3.27 -7.34 30.76
CA ASN A 4 3.05 -7.70 29.37
C ASN A 4 2.73 -9.20 29.27
N PHE A 5 2.07 -9.60 28.19
CA PHE A 5 2.00 -11.02 27.87
C PHE A 5 3.42 -11.53 27.60
N MET A 6 3.60 -12.83 27.76
CA MET A 6 4.87 -13.49 27.49
C MET A 6 4.78 -14.20 26.15
N LEU A 7 5.91 -14.23 25.45
CA LEU A 7 6.12 -15.09 24.29
C LEU A 7 7.17 -16.10 24.71
N THR A 8 6.78 -17.38 24.76
CA THR A 8 7.66 -18.44 25.24
C THR A 8 8.12 -19.28 24.07
N GLN A 9 9.44 -19.40 23.92
CA GLN A 9 10.10 -20.23 22.93
C GLN A 9 10.94 -21.28 23.64
N PRO A 10 11.21 -22.40 22.99
CA PRO A 10 12.20 -23.35 23.54
C PRO A 10 13.57 -22.71 23.61
N ARG A 11 14.33 -23.04 24.65
CA ARG A 11 15.64 -22.44 24.79
C ARG A 11 16.63 -22.95 23.74
N SER A 12 16.48 -24.22 23.34
CA SER A 12 17.42 -24.88 22.46
C SER A 12 16.63 -25.70 21.47
N VAL A 13 17.08 -25.70 20.23
CA VAL A 13 16.60 -26.63 19.22
C VAL A 13 17.81 -27.12 18.44
N SER A 14 17.78 -28.41 18.06
CA SER A 14 18.94 -29.05 17.46
C SER A 14 18.48 -29.97 16.35
N GLU A 15 19.25 -30.02 15.28
CA GLU A 15 18.91 -30.91 14.16
C GLU A 15 20.10 -31.04 13.22
N SER A 16 20.06 -32.12 12.40
CA SER A 16 21.09 -32.37 11.42
C SER A 16 20.85 -31.56 10.15
N PRO A 17 21.92 -31.28 9.38
CA PRO A 17 21.72 -30.54 8.13
C PRO A 17 20.76 -31.25 7.19
N GLY A 18 20.04 -30.45 6.44
CA GLY A 18 19.08 -30.93 5.47
C GLY A 18 17.73 -31.27 6.04
N LYS A 19 17.58 -31.33 7.36
CA LYS A 19 16.30 -31.62 7.95
C LYS A 19 15.52 -30.31 8.11
N THR A 20 14.25 -30.45 8.51
CA THR A 20 13.39 -29.30 8.76
C THR A 20 13.25 -29.12 10.27
N VAL A 21 13.44 -27.89 10.74
N VAL A 21 13.42 -27.88 10.73
CA VAL A 21 13.27 -27.58 12.15
CA VAL A 21 13.29 -27.53 12.14
C VAL A 21 12.17 -26.54 12.30
C VAL A 21 12.16 -26.52 12.30
N THR A 22 11.44 -26.61 13.41
CA THR A 22 10.38 -25.67 13.72
C THR A 22 10.59 -25.11 15.13
N ILE A 23 10.49 -23.80 15.26
CA ILE A 23 10.66 -23.09 16.53
C ILE A 23 9.34 -22.40 16.83
N SER A 24 8.76 -22.70 17.98
CA SER A 24 7.47 -22.15 18.35
C SER A 24 7.63 -20.95 19.29
N CYS A 25 6.56 -20.16 19.35
CA CYS A 25 6.51 -18.94 20.13
C CYS A 25 5.07 -18.83 20.61
N THR A 26 4.84 -19.16 21.88
CA THR A 26 3.50 -19.25 22.45
C THR A 26 3.19 -18.00 23.26
N ARG A 27 2.03 -17.40 23.00
CA ARG A 27 1.59 -16.20 23.71
C ARG A 27 0.81 -16.60 24.95
N SER A 28 1.18 -16.04 26.11
CA SER A 28 0.65 -16.50 27.39
C SER A 28 -0.76 -15.99 27.67
N SER A 29 -1.10 -14.82 27.16
CA SER A 29 -2.43 -14.24 27.39
C SER A 29 -2.76 -13.36 26.21
N GLY A 30 -4.05 -13.32 25.87
CA GLY A 30 -4.48 -12.70 24.62
C GLY A 30 -4.23 -13.61 23.44
N SER A 31 -4.87 -13.34 22.31
CA SER A 31 -4.78 -14.22 21.15
C SER A 31 -3.56 -13.93 20.30
N ILE A 32 -2.88 -14.99 19.88
CA ILE A 32 -1.72 -14.83 19.01
C ILE A 32 -2.07 -14.05 17.75
N GLY A 33 -3.29 -14.23 17.24
CA GLY A 33 -3.70 -13.53 16.05
C GLY A 33 -4.08 -12.08 16.23
N SER A 34 -4.12 -11.58 17.46
CA SER A 34 -4.47 -10.19 17.67
CA SER A 34 -4.44 -10.19 17.72
C SER A 34 -3.33 -9.24 17.33
N ASP A 35 -2.10 -9.75 17.16
CA ASP A 35 -0.94 -8.90 16.91
C ASP A 35 0.07 -9.66 16.06
N TYR A 36 0.66 -8.95 15.11
CA TYR A 36 1.64 -9.58 14.21
C TYR A 36 2.77 -10.18 15.03
N VAL A 37 3.33 -11.27 14.52
CA VAL A 37 4.55 -11.87 15.06
C VAL A 37 5.62 -11.80 13.98
N HIS A 38 6.82 -11.35 14.38
CA HIS A 38 7.98 -11.28 13.52
C HIS A 38 9.08 -12.13 14.14
N TRP A 39 10.06 -12.48 13.32
CA TRP A 39 11.15 -13.36 13.75
C TRP A 39 12.49 -12.80 13.31
N TYR A 40 13.45 -12.80 14.22
CA TYR A 40 14.79 -12.33 13.95
C TYR A 40 15.79 -13.45 14.16
N GLN A 41 16.84 -13.40 13.36
CA GLN A 41 18.02 -14.23 13.50
C GLN A 41 19.13 -13.37 14.07
N GLN A 42 19.86 -13.91 15.04
CA GLN A 42 21.01 -13.20 15.60
C GLN A 42 22.18 -14.17 15.69
N ARG A 43 23.21 -13.93 14.89
CA ARG A 43 24.43 -14.71 14.97
C ARG A 43 25.35 -14.14 16.04
N PRO A 44 26.24 -14.96 16.59
CA PRO A 44 27.13 -14.47 17.65
C PRO A 44 27.93 -13.25 17.21
N GLY A 45 27.95 -12.23 18.05
CA GLY A 45 28.72 -11.04 17.76
C GLY A 45 28.12 -10.14 16.73
N SER A 46 26.87 -10.39 16.34
CA SER A 46 26.20 -9.60 15.32
C SER A 46 24.83 -9.10 15.79
N SER A 47 24.34 -8.10 15.07
CA SER A 47 23.01 -7.58 15.34
C SER A 47 21.95 -8.49 14.74
N PRO A 48 20.74 -8.46 15.32
CA PRO A 48 19.63 -9.22 14.74
C PRO A 48 19.31 -8.75 13.32
N THR A 49 18.78 -9.66 12.53
CA THR A 49 18.20 -9.38 11.23
C THR A 49 16.86 -10.08 11.12
N THR A 50 15.93 -9.50 10.35
CA THR A 50 14.60 -10.09 10.20
C THR A 50 14.66 -11.26 9.23
N VAL A 51 14.05 -12.39 9.63
CA VAL A 51 13.85 -13.49 8.72
C VAL A 51 12.39 -13.65 8.29
N ILE A 52 11.44 -13.31 9.16
CA ILE A 52 10.02 -13.32 8.86
C ILE A 52 9.40 -12.10 9.51
N TYR A 53 8.52 -11.42 8.78
CA TYR A 53 7.76 -10.34 9.39
C TYR A 53 6.29 -10.54 9.06
N GLU A 54 5.44 -9.93 9.87
CA GLU A 54 4.00 -9.92 9.62
C GLU A 54 3.50 -11.35 9.47
N ASP A 55 3.92 -12.20 10.41
CA ASP A 55 3.52 -13.59 10.59
C ASP A 55 4.17 -14.54 9.60
N ASN A 56 4.20 -14.19 8.31
CA ASN A 56 4.62 -15.16 7.31
C ASN A 56 5.29 -14.53 6.09
N GLN A 57 5.68 -13.25 6.15
CA GLN A 57 6.30 -12.58 5.01
C GLN A 57 7.80 -12.68 5.15
N ARG A 58 8.48 -12.82 4.01
N ARG A 58 8.47 -12.88 4.02
CA ARG A 58 9.92 -13.02 3.96
CA ARG A 58 9.91 -12.99 3.99
C ARG A 58 10.59 -11.77 3.38
C ARG A 58 10.52 -11.71 3.43
N PRO A 59 11.49 -11.10 4.11
CA PRO A 59 12.19 -9.97 3.52
C PRO A 59 12.94 -10.40 2.28
N SER A 60 13.16 -9.46 1.37
CA SER A 60 14.02 -9.75 0.24
C SER A 60 15.41 -10.15 0.74
N GLY A 61 15.99 -11.15 0.09
CA GLY A 61 17.27 -11.67 0.48
C GLY A 61 17.22 -12.87 1.41
N VAL A 62 16.10 -13.12 2.08
CA VAL A 62 16.00 -14.24 3.00
C VAL A 62 15.65 -15.49 2.20
N PRO A 63 16.39 -16.59 2.35
CA PRO A 63 16.10 -17.80 1.56
C PRO A 63 14.69 -18.34 1.82
N ASP A 64 14.12 -18.96 0.79
CA ASP A 64 12.78 -19.51 0.88
C ASP A 64 12.68 -20.68 1.85
N ARG A 65 13.80 -21.21 2.32
CA ARG A 65 13.78 -22.24 3.35
C ARG A 65 13.16 -21.75 4.65
N PHE A 66 13.10 -20.45 4.86
CA PHE A 66 12.51 -19.89 6.07
C PHE A 66 11.05 -19.54 5.81
N SER A 67 10.17 -19.99 6.69
CA SER A 67 8.76 -19.67 6.59
C SER A 67 8.18 -19.45 7.98
N GLY A 68 7.08 -18.72 8.04
CA GLY A 68 6.40 -18.47 9.29
C GLY A 68 4.94 -18.87 9.20
N SER A 69 4.39 -19.25 10.35
CA SER A 69 2.99 -19.61 10.43
C SER A 69 2.44 -19.26 11.80
N ILE A 70 1.10 -19.28 11.89
CA ILE A 70 0.35 -19.03 13.10
C ILE A 70 -0.60 -20.21 13.32
N ASP A 71 -0.70 -20.65 14.58
CA ASP A 71 -1.57 -21.75 15.00
C ASP A 71 -2.48 -21.24 16.11
N SER A 72 -3.71 -20.86 15.75
CA SER A 72 -4.62 -20.30 16.74
C SER A 72 -4.93 -21.30 17.85
N SER A 73 -5.08 -22.58 17.52
CA SER A 73 -5.49 -23.54 18.55
C SER A 73 -4.47 -23.67 19.66
N SER A 74 -3.18 -23.53 19.35
CA SER A 74 -2.13 -23.56 20.37
C SER A 74 -1.69 -22.16 20.78
N ASN A 75 -2.31 -21.13 20.23
CA ASN A 75 -1.97 -19.73 20.53
C ASN A 75 -0.49 -19.45 20.30
N SER A 76 0.02 -19.96 19.18
CA SER A 76 1.45 -19.87 18.93
C SER A 76 1.73 -19.44 17.50
N ALA A 77 2.94 -18.94 17.31
CA ALA A 77 3.54 -18.68 16.02
C ALA A 77 4.72 -19.60 15.87
N SER A 78 5.07 -19.93 14.62
CA SER A 78 6.19 -20.83 14.40
C SER A 78 7.04 -20.36 13.24
N LEU A 79 8.35 -20.50 13.41
CA LEU A 79 9.33 -20.30 12.37
C LEU A 79 9.79 -21.69 11.94
N THR A 80 9.68 -21.99 10.66
CA THR A 80 10.12 -23.27 10.13
C THR A 80 11.28 -23.03 9.19
N ILE A 81 12.34 -23.82 9.36
CA ILE A 81 13.52 -23.79 8.52
C ILE A 81 13.65 -25.15 7.89
N SER A 82 13.43 -25.23 6.58
CA SER A 82 13.66 -26.49 5.88
C SER A 82 15.10 -26.50 5.36
N GLY A 83 15.54 -27.69 4.95
CA GLY A 83 16.87 -27.84 4.39
C GLY A 83 17.95 -27.19 5.23
N LEU A 84 17.95 -27.49 6.52
CA LEU A 84 18.79 -26.79 7.48
C LEU A 84 20.25 -26.80 7.05
N LYS A 85 20.88 -25.65 7.19
CA LYS A 85 22.27 -25.46 6.83
C LYS A 85 23.07 -25.07 8.07
N THR A 86 24.36 -25.38 8.06
CA THR A 86 25.19 -25.02 9.20
C THR A 86 25.13 -23.52 9.48
N GLU A 87 25.00 -22.70 8.43
CA GLU A 87 24.96 -21.25 8.60
C GLU A 87 23.70 -20.80 9.34
N ASP A 88 22.70 -21.67 9.49
CA ASP A 88 21.49 -21.32 10.22
C ASP A 88 21.68 -21.36 11.72
N GLU A 89 22.80 -21.87 12.19
CA GLU A 89 23.12 -21.83 13.61
C GLU A 89 23.15 -20.38 14.08
N ALA A 90 22.31 -20.07 15.06
CA ALA A 90 22.09 -18.69 15.48
C ALA A 90 21.04 -18.75 16.58
N ASP A 91 20.81 -17.61 17.21
CA ASP A 91 19.68 -17.42 18.09
C ASP A 91 18.53 -16.81 17.30
N TYR A 92 17.32 -17.25 17.57
CA TYR A 92 16.13 -16.75 16.90
C TYR A 92 15.16 -16.22 17.93
N TYR A 93 14.61 -15.04 17.65
CA TYR A 93 13.68 -14.39 18.56
C TYR A 93 12.38 -14.10 17.83
N CYS A 94 11.26 -14.42 18.47
CA CYS A 94 10.00 -13.89 18.01
C CYS A 94 9.71 -12.55 18.69
N GLN A 95 8.82 -11.77 18.09
CA GLN A 95 8.49 -10.46 18.61
C GLN A 95 7.05 -10.12 18.23
N SER A 96 6.34 -9.49 19.15
CA SER A 96 4.99 -9.04 18.93
C SER A 96 4.81 -7.73 19.70
N TYR A 97 3.56 -7.37 19.98
CA TYR A 97 3.26 -6.08 20.61
C TYR A 97 2.07 -6.22 21.53
N ASP A 98 2.19 -5.64 22.72
CA ASP A 98 1.15 -5.66 23.74
C ASP A 98 0.43 -4.33 23.69
N ARG A 99 -0.80 -4.35 23.19
CA ARG A 99 -1.54 -3.11 23.00
C ARG A 99 -2.00 -2.51 24.30
N SER A 100 -2.17 -3.33 25.34
CA SER A 100 -2.65 -2.80 26.61
C SER A 100 -1.60 -1.91 27.24
N ASN A 101 -0.34 -2.34 27.22
CA ASN A 101 0.75 -1.60 27.83
C ASN A 101 1.53 -0.77 26.82
N HIS A 102 1.22 -0.90 25.53
CA HIS A 102 1.93 -0.19 24.48
C HIS A 102 3.42 -0.52 24.50
N GLU A 103 3.75 -1.81 24.52
CA GLU A 103 5.13 -2.24 24.53
C GLU A 103 5.39 -3.37 23.55
N VAL A 104 6.57 -3.33 22.95
CA VAL A 104 7.11 -4.46 22.22
C VAL A 104 7.37 -5.60 23.19
N VAL A 105 7.04 -6.83 22.78
CA VAL A 105 7.33 -8.03 23.54
C VAL A 105 8.23 -8.92 22.69
N PHE A 106 9.35 -9.36 23.27
CA PHE A 106 10.24 -10.31 22.63
C PHE A 106 10.07 -11.67 23.30
N GLY A 107 10.12 -12.73 22.52
CA GLY A 107 10.33 -14.05 23.09
C GLY A 107 11.70 -14.16 23.71
N GLY A 108 11.91 -15.20 24.50
CA GLY A 108 13.16 -15.36 25.19
C GLY A 108 14.34 -15.82 24.37
N GLY A 109 14.11 -16.20 23.11
CA GLY A 109 15.17 -16.64 22.24
C GLY A 109 15.35 -18.15 22.22
N THR A 110 15.70 -18.68 21.05
CA THR A 110 15.99 -20.09 20.84
C THR A 110 17.36 -20.19 20.18
N LYS A 111 18.26 -20.95 20.79
CA LYS A 111 19.55 -21.23 20.18
C LYS A 111 19.38 -22.47 19.31
N LEU A 112 19.61 -22.30 18.02
CA LEU A 112 19.56 -23.41 17.07
C LEU A 112 20.98 -23.94 16.87
N THR A 113 21.16 -25.23 17.13
CA THR A 113 22.43 -25.91 16.96
C THR A 113 22.27 -26.96 15.86
N VAL A 114 23.24 -27.02 14.97
CA VAL A 114 23.26 -28.00 13.91
C VAL A 114 24.15 -29.16 14.35
N LEU A 115 23.54 -30.34 14.45
CA LEU A 115 24.26 -31.53 14.86
C LEU A 115 25.26 -31.93 13.79
N GLU A 116 26.41 -32.44 14.22
CA GLU A 116 27.51 -32.77 13.33
C GLU A 116 27.50 -34.24 12.94
N ASN A 117 27.27 -35.13 13.89
CA ASN A 117 27.13 -36.56 13.61
C ASN A 117 25.69 -36.87 13.24
N LEU A 118 25.47 -38.11 12.79
CA LEU A 118 24.13 -38.58 12.48
C LEU A 118 23.64 -39.44 13.63
N TYR A 119 22.46 -39.17 14.12
CA TYR A 119 21.83 -39.92 15.19
C TYR A 119 20.50 -40.46 14.67
N PHE A 120 19.99 -41.49 15.34
CA PHE A 120 18.71 -42.07 14.93
C PHE A 120 17.76 -42.31 16.11
N ILE B 22 -6.52 32.08 10.47
CA ILE B 22 -6.61 30.90 11.37
C ILE B 22 -5.30 30.14 11.32
N VAL B 23 -4.92 29.59 12.46
CA VAL B 23 -3.79 28.69 12.57
C VAL B 23 -4.33 27.29 12.68
N CYS B 24 -3.83 26.39 11.85
CA CYS B 24 -4.29 25.00 11.86
C CYS B 24 -3.11 24.06 11.97
N HIS B 25 -3.37 22.87 12.55
CA HIS B 25 -2.39 21.80 12.45
C HIS B 25 -2.35 21.27 11.03
N THR B 26 -1.14 20.85 10.63
CA THR B 26 -0.91 20.24 9.33
C THR B 26 -0.07 18.99 9.49
N THR B 27 -0.41 17.97 8.70
CA THR B 27 0.40 16.77 8.59
C THR B 27 1.31 16.81 7.35
N ALA B 28 1.45 17.98 6.72
CA ALA B 28 2.28 18.09 5.54
C ALA B 28 3.72 18.49 5.84
N THR B 29 4.09 18.66 7.11
CA THR B 29 5.41 19.12 7.45
C THR B 29 6.12 18.08 8.31
N SER B 30 7.43 18.22 8.41
CA SER B 30 8.26 17.37 9.25
C SER B 30 9.06 18.23 10.21
N PRO B 31 8.82 18.15 11.52
CA PRO B 31 7.75 17.38 12.19
C PRO B 31 6.39 17.95 11.87
N ILE B 32 5.30 17.24 12.17
CA ILE B 32 3.98 17.82 12.01
C ILE B 32 3.91 19.11 12.85
N SER B 33 3.12 20.07 12.40
CA SER B 33 3.25 21.41 12.96
C SER B 33 1.95 22.18 12.79
N ALA B 34 1.93 23.40 13.30
CA ALA B 34 0.85 24.35 13.12
C ALA B 34 1.29 25.45 12.18
N VAL B 35 0.39 25.89 11.31
CA VAL B 35 0.68 26.88 10.27
C VAL B 35 -0.46 27.89 10.19
N THR B 36 -0.13 29.13 9.83
CA THR B 36 -1.18 30.09 9.47
C THR B 36 -1.68 29.77 8.07
N CYS B 37 -2.99 29.60 7.95
CA CYS B 37 -3.59 29.19 6.69
C CYS B 37 -3.52 30.32 5.66
N PRO B 38 -3.48 29.96 4.38
CA PRO B 38 -3.40 30.98 3.33
C PRO B 38 -4.65 31.85 3.33
N PRO B 39 -4.59 33.00 2.65
CA PRO B 39 -5.79 33.84 2.56
C PRO B 39 -6.96 33.10 1.96
N GLY B 40 -8.14 33.31 2.54
CA GLY B 40 -9.35 32.66 2.08
C GLY B 40 -9.57 31.26 2.59
N GLU B 41 -8.61 30.67 3.27
CA GLU B 41 -8.77 29.36 3.90
C GLU B 41 -8.94 29.62 5.39
N ASN B 42 -10.18 29.61 5.87
CA ASN B 42 -10.49 30.01 7.23
C ASN B 42 -11.01 28.85 8.06
N LEU B 43 -10.82 27.64 7.57
CA LEU B 43 -11.20 26.44 8.30
C LEU B 43 -9.98 25.54 8.47
N CYS B 44 -9.94 24.86 9.61
CA CYS B 44 -9.06 23.71 9.77
C CYS B 44 -9.88 22.46 9.44
N TYR B 45 -9.20 21.44 8.94
CA TYR B 45 -9.86 20.18 8.66
C TYR B 45 -9.05 18.98 9.13
N ARG B 46 -9.79 17.90 9.35
CA ARG B 46 -9.26 16.57 9.64
C ARG B 46 -9.97 15.63 8.69
N LYS B 47 -9.21 14.80 7.98
CA LYS B 47 -9.75 13.80 7.06
C LYS B 47 -9.12 12.47 7.46
N MET B 48 -9.96 11.44 7.62
CA MET B 48 -9.47 10.17 8.11
C MET B 48 -10.05 9.01 7.31
N TRP B 49 -9.21 7.99 7.14
CA TRP B 49 -9.60 6.77 6.45
C TRP B 49 -8.70 5.63 6.92
N CYS B 50 -9.19 4.40 6.72
CA CYS B 50 -8.40 3.23 7.05
C CYS B 50 -7.54 2.83 5.85
N ASP B 51 -6.32 2.38 6.13
CA ASP B 51 -5.57 1.59 5.17
C ASP B 51 -5.44 0.18 5.75
N ALA B 52 -4.62 -0.65 5.11
CA ALA B 52 -4.54 -2.05 5.50
C ALA B 52 -3.98 -2.22 6.91
N PHE B 53 -3.31 -1.22 7.46
CA PHE B 53 -2.77 -1.29 8.82
C PHE B 53 -3.70 -0.63 9.83
N CYS B 54 -4.96 -0.36 9.45
CA CYS B 54 -5.87 0.30 10.38
C CYS B 54 -5.99 -0.45 11.69
N SER B 55 -5.98 -1.79 11.63
CA SER B 55 -6.18 -2.56 12.83
C SER B 55 -5.03 -2.48 13.83
N SER B 56 -3.90 -1.90 13.42
CA SER B 56 -2.75 -1.76 14.30
CA SER B 56 -2.74 -1.76 14.30
C SER B 56 -2.36 -0.30 14.50
N ARG B 57 -2.16 0.45 13.42
CA ARG B 57 -1.78 1.86 13.48
C ARG B 57 -2.97 2.81 13.56
N GLY B 58 -4.21 2.31 13.50
CA GLY B 58 -5.37 3.18 13.49
C GLY B 58 -5.51 3.88 12.13
N LYS B 59 -6.46 4.80 12.08
CA LYS B 59 -6.73 5.48 10.82
C LYS B 59 -5.59 6.38 10.39
N VAL B 60 -5.47 6.52 9.08
CA VAL B 60 -4.65 7.57 8.51
C VAL B 60 -5.39 8.88 8.68
N VAL B 61 -4.67 9.92 9.10
CA VAL B 61 -5.26 11.24 9.35
C VAL B 61 -4.48 12.30 8.60
N GLU B 62 -5.23 13.12 7.86
CA GLU B 62 -4.71 14.27 7.16
C GLU B 62 -5.27 15.52 7.82
N LEU B 63 -4.41 16.44 8.16
CA LEU B 63 -4.78 17.68 8.83
C LEU B 63 -4.29 18.86 8.00
N GLY B 64 -5.12 19.88 7.89
CA GLY B 64 -4.68 21.08 7.20
C GLY B 64 -5.69 22.20 7.22
N CYS B 65 -5.54 23.06 6.22
CA CYS B 65 -6.35 24.26 6.03
C CYS B 65 -7.28 24.08 4.84
N ALA B 66 -8.41 24.79 4.86
CA ALA B 66 -9.35 24.74 3.74
C ALA B 66 -10.20 26.00 3.69
N ALA B 67 -10.64 26.34 2.47
CA ALA B 67 -11.64 27.40 2.30
C ALA B 67 -13.05 26.87 2.57
N THR B 68 -13.37 25.70 2.00
CA THR B 68 -14.62 25.02 2.27
C THR B 68 -14.29 23.65 2.82
N CYS B 69 -15.15 23.14 3.70
CA CYS B 69 -14.85 21.86 4.33
C CYS B 69 -14.73 20.80 3.24
N PRO B 70 -13.62 20.06 3.19
CA PRO B 70 -13.39 19.14 2.07
C PRO B 70 -14.52 18.14 1.88
N SER B 71 -14.78 17.84 0.61
CA SER B 71 -15.72 16.79 0.29
C SER B 71 -15.12 15.44 0.67
N LYS B 72 -16.01 14.52 1.00
CA LYS B 72 -15.62 13.18 1.45
C LYS B 72 -16.15 12.14 0.48
N LYS B 73 -15.29 11.17 0.19
CA LYS B 73 -15.66 9.96 -0.51
C LYS B 73 -16.19 8.93 0.47
N PRO B 74 -16.78 7.85 -0.03
CA PRO B 74 -17.22 6.77 0.88
C PRO B 74 -16.07 6.28 1.74
N TYR B 75 -16.38 6.01 3.01
CA TYR B 75 -15.47 5.45 3.98
C TYR B 75 -14.46 6.48 4.48
N GLU B 76 -14.55 7.72 4.04
CA GLU B 76 -13.74 8.81 4.58
C GLU B 76 -14.58 9.59 5.59
N GLU B 77 -13.92 10.11 6.62
CA GLU B 77 -14.55 11.02 7.55
C GLU B 77 -13.83 12.35 7.41
N VAL B 78 -14.59 13.42 7.31
CA VAL B 78 -14.04 14.77 7.25
C VAL B 78 -14.79 15.63 8.25
N THR B 79 -14.03 16.33 9.12
CA THR B 79 -14.65 17.28 10.02
C THR B 79 -13.79 18.53 10.06
N CYS B 80 -14.44 19.67 10.13
CA CYS B 80 -13.76 20.96 10.10
C CYS B 80 -14.06 21.72 11.38
N CYS B 81 -13.24 22.72 11.64
CA CYS B 81 -13.42 23.55 12.83
C CYS B 81 -12.77 24.89 12.53
N SER B 82 -13.13 25.89 13.32
CA SER B 82 -12.81 27.26 12.95
C SER B 82 -12.15 28.06 14.07
N THR B 83 -11.49 27.40 15.00
CA THR B 83 -10.68 28.10 15.99
C THR B 83 -9.23 27.63 15.89
N ASP B 84 -8.32 28.48 16.34
CA ASP B 84 -6.90 28.19 16.18
C ASP B 84 -6.55 26.83 16.78
N LYS B 85 -5.81 26.04 16.00
CA LYS B 85 -5.24 24.77 16.45
C LYS B 85 -6.30 23.74 16.83
N CYS B 86 -7.50 23.87 16.28
CA CYS B 86 -8.61 23.04 16.72
C CYS B 86 -8.57 21.62 16.17
N ASN B 87 -7.64 21.31 15.27
CA ASN B 87 -7.59 20.00 14.61
C ASN B 87 -6.30 19.25 14.92
N PRO B 88 -6.01 18.97 16.19
CA PRO B 88 -4.75 18.28 16.52
C PRO B 88 -4.75 16.82 16.11
N HIS B 89 -3.55 16.34 15.77
CA HIS B 89 -3.32 14.92 15.60
C HIS B 89 -3.66 14.23 16.92
N PRO B 90 -4.19 13.00 16.87
CA PRO B 90 -4.52 12.31 18.13
C PRO B 90 -3.37 12.22 19.10
N LYS B 91 -2.13 12.13 18.63
CA LYS B 91 -0.99 12.00 19.53
C LYS B 91 -0.46 13.36 19.98
N GLN B 92 -1.11 14.45 19.54
CA GLN B 92 -0.82 15.80 20.00
C GLN B 92 -2.09 16.48 20.53
N ARG B 93 -3.08 15.70 20.93
CA ARG B 93 -4.35 16.19 21.41
C ARG B 93 -4.47 15.88 22.90
N PRO B 94 -4.99 16.81 23.70
CA PRO B 94 -5.31 16.43 25.08
C PRO B 94 -6.28 15.24 25.12
N ILE C 22 -20.90 -28.75 3.88
CA ILE C 22 -21.40 -27.42 3.39
C ILE C 22 -20.56 -26.97 2.22
N VAL C 23 -21.20 -26.25 1.31
CA VAL C 23 -20.54 -25.63 0.17
C VAL C 23 -20.49 -24.13 0.45
N CYS C 24 -19.33 -23.53 0.29
CA CYS C 24 -19.18 -22.11 0.59
C CYS C 24 -18.50 -21.40 -0.57
N HIS C 25 -18.82 -20.11 -0.71
CA HIS C 25 -18.03 -19.31 -1.62
C HIS C 25 -16.64 -19.09 -1.04
N THR C 26 -15.67 -18.97 -1.93
CA THR C 26 -14.28 -18.70 -1.56
C THR C 26 -13.67 -17.64 -2.47
N THR C 27 -12.81 -16.81 -1.88
CA THR C 27 -11.99 -15.86 -2.62
C THR C 27 -10.56 -16.35 -2.75
N ALA C 28 -10.30 -17.60 -2.44
CA ALA C 28 -8.95 -18.15 -2.53
C ALA C 28 -8.65 -18.72 -3.90
N THR C 29 -9.59 -18.64 -4.83
CA THR C 29 -9.41 -19.24 -6.14
C THR C 29 -9.54 -18.18 -7.23
N SER C 30 -9.05 -18.54 -8.41
CA SER C 30 -9.20 -17.72 -9.60
C SER C 30 -9.83 -18.56 -10.69
N PRO C 31 -11.01 -18.20 -11.20
CA PRO C 31 -11.87 -17.10 -10.71
C PRO C 31 -12.38 -17.45 -9.34
N ILE C 32 -13.05 -16.51 -8.66
CA ILE C 32 -13.67 -16.83 -7.38
C ILE C 32 -14.70 -17.93 -7.63
N SER C 33 -14.96 -18.75 -6.61
CA SER C 33 -15.72 -19.96 -6.86
C SER C 33 -16.38 -20.45 -5.58
N ALA C 34 -17.12 -21.55 -5.70
CA ALA C 34 -17.68 -22.27 -4.57
C ALA C 34 -16.95 -23.60 -4.40
N VAL C 35 -16.77 -24.00 -3.15
CA VAL C 35 -16.02 -25.20 -2.81
C VAL C 35 -16.75 -25.96 -1.72
N THR C 36 -16.59 -27.29 -1.72
CA THR C 36 -17.08 -28.07 -0.60
C THR C 36 -16.06 -27.99 0.53
N CYS C 37 -16.53 -27.57 1.68
CA CYS C 37 -15.64 -27.37 2.80
C CYS C 37 -15.11 -28.71 3.30
N PRO C 38 -13.89 -28.72 3.84
CA PRO C 38 -13.34 -29.96 4.40
C PRO C 38 -14.20 -30.45 5.55
N PRO C 39 -14.16 -31.74 5.83
CA PRO C 39 -14.88 -32.26 6.99
C PRO C 39 -14.48 -31.50 8.26
N GLY C 40 -15.47 -31.21 9.08
CA GLY C 40 -15.24 -30.46 10.30
C GLY C 40 -15.30 -28.95 10.16
N GLU C 41 -15.35 -28.44 8.95
CA GLU C 41 -15.57 -27.02 8.71
C GLU C 41 -16.99 -26.90 8.19
N ASN C 42 -17.93 -26.55 9.07
CA ASN C 42 -19.34 -26.57 8.73
C ASN C 42 -19.94 -25.18 8.67
N LEU C 43 -19.10 -24.15 8.62
CA LEU C 43 -19.57 -22.79 8.46
C LEU C 43 -18.93 -22.17 7.23
N CYS C 44 -19.66 -21.26 6.61
CA CYS C 44 -19.09 -20.32 5.68
C CYS C 44 -18.84 -19.01 6.42
N TYR C 45 -17.82 -18.29 6.00
CA TYR C 45 -17.57 -16.98 6.57
C TYR C 45 -17.34 -15.93 5.50
N ARG C 46 -17.55 -14.68 5.92
CA ARG C 46 -17.18 -13.52 5.14
C ARG C 46 -16.54 -12.52 6.09
N LYS C 47 -15.33 -12.07 5.76
CA LYS C 47 -14.67 -10.99 6.45
C LYS C 47 -14.59 -9.80 5.51
N MET C 48 -14.77 -8.61 6.05
CA MET C 48 -14.59 -7.40 5.24
C MET C 48 -13.88 -6.32 6.03
N TRP C 49 -13.06 -5.57 5.31
CA TRP C 49 -12.34 -4.46 5.91
C TRP C 49 -11.94 -3.48 4.81
N CYS C 50 -11.55 -2.27 5.21
CA CYS C 50 -11.11 -1.27 4.25
C CYS C 50 -9.59 -1.26 4.12
N ASP C 51 -9.11 -1.08 2.91
CA ASP C 51 -7.75 -0.64 2.67
C ASP C 51 -7.81 0.78 2.09
N ALA C 52 -6.67 1.29 1.65
CA ALA C 52 -6.61 2.68 1.21
C ALA C 52 -7.54 2.98 0.04
N PHE C 53 -7.96 1.96 -0.70
CA PHE C 53 -8.83 2.13 -1.86
C PHE C 53 -10.29 1.87 -1.54
N CYS C 54 -10.64 1.83 -0.26
CA CYS C 54 -12.03 1.58 0.09
C CYS C 54 -12.96 2.60 -0.55
N SER C 55 -12.51 3.85 -0.66
CA SER C 55 -13.34 4.91 -1.18
C SER C 55 -13.60 4.80 -2.68
N SER C 56 -12.96 3.86 -3.37
CA SER C 56 -13.25 3.62 -4.77
C SER C 56 -13.68 2.18 -5.01
N ARG C 57 -12.93 1.22 -4.51
CA ARG C 57 -13.19 -0.19 -4.74
C ARG C 57 -14.05 -0.83 -3.66
N GLY C 58 -14.43 -0.10 -2.64
CA GLY C 58 -15.19 -0.65 -1.54
C GLY C 58 -14.31 -1.56 -0.71
N LYS C 59 -14.98 -2.25 0.21
CA LYS C 59 -14.28 -3.10 1.15
C LYS C 59 -13.61 -4.29 0.48
N VAL C 60 -12.46 -4.67 1.07
CA VAL C 60 -11.86 -5.96 0.77
C VAL C 60 -12.71 -7.05 1.40
N VAL C 61 -12.90 -8.15 0.67
CA VAL C 61 -13.78 -9.24 1.06
C VAL C 61 -13.02 -10.56 1.03
N GLU C 62 -13.03 -11.29 2.14
CA GLU C 62 -12.46 -12.62 2.22
C GLU C 62 -13.61 -13.59 2.49
N LEU C 63 -13.71 -14.63 1.68
CA LEU C 63 -14.76 -15.64 1.79
C LEU C 63 -14.12 -17.00 1.91
N GLY C 64 -14.65 -17.82 2.80
CA GLY C 64 -14.16 -19.19 2.87
C GLY C 64 -14.98 -20.06 3.79
N CYS C 65 -14.36 -21.16 4.17
CA CYS C 65 -14.88 -22.14 5.09
C CYS C 65 -14.24 -21.97 6.46
N ALA C 66 -14.96 -22.38 7.51
CA ALA C 66 -14.38 -22.39 8.86
C ALA C 66 -15.05 -23.41 9.75
N ALA C 67 -14.29 -23.84 10.77
CA ALA C 67 -14.81 -24.66 11.85
C ALA C 67 -15.50 -23.82 12.90
N THR C 68 -14.88 -22.73 13.31
CA THR C 68 -15.45 -21.77 14.24
C THR C 68 -15.37 -20.39 13.58
N CYS C 69 -16.32 -19.54 13.91
CA CYS C 69 -16.37 -18.25 13.25
C CYS C 69 -15.11 -17.45 13.59
N PRO C 70 -14.41 -16.89 12.60
CA PRO C 70 -13.19 -16.14 12.89
C PRO C 70 -13.45 -14.96 13.81
N SER C 71 -12.49 -14.68 14.69
CA SER C 71 -12.62 -13.56 15.59
C SER C 71 -12.43 -12.24 14.85
N LYS C 72 -13.18 -11.23 15.26
CA LYS C 72 -13.18 -9.93 14.61
C LYS C 72 -12.02 -9.10 15.13
N LYS C 73 -11.28 -8.49 14.22
CA LYS C 73 -10.24 -7.56 14.58
C LYS C 73 -10.79 -6.14 14.52
N PRO C 74 -10.07 -5.18 15.09
CA PRO C 74 -10.48 -3.78 14.93
C PRO C 74 -10.63 -3.43 13.46
N TYR C 75 -11.73 -2.76 13.14
CA TYR C 75 -11.99 -2.27 11.78
C TYR C 75 -12.33 -3.37 10.81
N GLU C 76 -12.55 -4.59 11.29
N GLU C 76 -12.60 -4.56 11.29
CA GLU C 76 -12.95 -5.72 10.46
CA GLU C 76 -12.98 -5.69 10.46
C GLU C 76 -14.34 -6.16 10.89
C GLU C 76 -14.35 -6.17 10.89
N GLU C 77 -15.13 -6.61 9.91
CA GLU C 77 -16.42 -7.22 10.17
C GLU C 77 -16.33 -8.67 9.74
N VAL C 78 -16.92 -9.57 10.52
CA VAL C 78 -16.95 -11.00 10.19
C VAL C 78 -18.35 -11.53 10.45
N THR C 79 -18.88 -12.29 9.50
CA THR C 79 -20.14 -12.99 9.71
C THR C 79 -19.98 -14.42 9.22
N CYS C 80 -20.70 -15.31 9.87
CA CYS C 80 -20.70 -16.71 9.50
C CYS C 80 -22.13 -17.19 9.35
N CYS C 81 -22.29 -18.26 8.57
CA CYS C 81 -23.61 -18.77 8.22
C CYS C 81 -23.42 -20.23 7.86
N SER C 82 -24.53 -20.97 7.85
CA SER C 82 -24.44 -22.42 7.80
C SER C 82 -25.41 -23.03 6.79
N THR C 83 -25.72 -22.32 5.71
CA THR C 83 -26.38 -22.90 4.55
C THR C 83 -25.49 -22.76 3.32
N ASP C 84 -25.68 -23.64 2.36
CA ASP C 84 -24.77 -23.64 1.21
C ASP C 84 -24.76 -22.26 0.54
N LYS C 85 -23.55 -21.80 0.22
CA LYS C 85 -23.34 -20.58 -0.56
C LYS C 85 -23.92 -19.34 0.11
N CYS C 86 -24.05 -19.39 1.43
CA CYS C 86 -24.66 -18.30 2.18
C CYS C 86 -23.77 -17.06 2.31
N ASN C 87 -22.54 -17.11 1.84
CA ASN C 87 -21.54 -16.05 1.99
C ASN C 87 -21.07 -15.50 0.65
N PRO C 88 -21.96 -14.94 -0.16
CA PRO C 88 -21.53 -14.47 -1.48
C PRO C 88 -20.71 -13.19 -1.41
N HIS C 89 -19.84 -13.05 -2.41
CA HIS C 89 -19.20 -11.78 -2.69
C HIS C 89 -20.31 -10.78 -3.06
N PRO C 90 -20.12 -9.49 -2.74
CA PRO C 90 -21.13 -8.50 -3.14
C PRO C 90 -21.54 -8.56 -4.59
N LYS C 91 -20.65 -8.98 -5.49
CA LYS C 91 -20.98 -9.03 -6.91
C LYS C 91 -21.62 -10.34 -7.31
N GLN C 92 -21.75 -11.28 -6.38
CA GLN C 92 -22.32 -12.59 -6.66
C GLN C 92 -23.54 -12.89 -5.80
N ARG C 93 -24.22 -11.86 -5.33
CA ARG C 93 -25.44 -12.06 -4.58
C ARG C 93 -26.51 -12.61 -5.53
N PRO C 94 -27.52 -13.27 -4.98
CA PRO C 94 -28.59 -13.79 -5.85
C PRO C 94 -29.39 -12.70 -6.57
N GLY C 95 -29.28 -11.44 -6.16
CA GLY C 95 -29.96 -10.37 -6.87
C GLY C 95 -29.89 -9.08 -6.08
N GLN D 2 8.95 -6.98 -16.98
CA GLN D 2 7.90 -5.92 -17.07
C GLN D 2 6.70 -6.46 -17.84
N VAL D 3 5.50 -6.06 -17.41
CA VAL D 3 4.29 -6.53 -18.06
C VAL D 3 4.11 -5.82 -19.38
N GLN D 4 3.70 -6.58 -20.40
CA GLN D 4 3.51 -6.07 -21.74
C GLN D 4 2.23 -6.66 -22.31
N LEU D 5 1.56 -5.87 -23.14
CA LEU D 5 0.34 -6.30 -23.82
C LEU D 5 0.58 -6.21 -25.31
N VAL D 6 0.42 -7.33 -26.03
CA VAL D 6 0.71 -7.39 -27.45
C VAL D 6 -0.56 -7.72 -28.21
N GLN D 7 -0.93 -6.84 -29.13
CA GLN D 7 -2.19 -6.96 -29.86
C GLN D 7 -1.98 -7.57 -31.24
N SER D 8 -3.07 -8.08 -31.79
CA SER D 8 -3.10 -8.57 -33.15
C SER D 8 -2.97 -7.42 -34.15
N GLY D 9 -2.78 -7.79 -35.44
CA GLY D 9 -2.46 -6.84 -36.49
C GLY D 9 -3.67 -6.13 -37.07
N ALA D 10 -3.38 -5.10 -37.87
CA ALA D 10 -4.43 -4.26 -38.43
C ALA D 10 -5.38 -5.10 -39.27
N GLU D 11 -6.64 -4.65 -39.31
CA GLU D 11 -7.67 -5.32 -40.08
C GLU D 11 -8.40 -4.32 -40.96
N VAL D 12 -8.84 -4.78 -42.12
CA VAL D 12 -9.72 -4.01 -42.99
C VAL D 12 -10.96 -4.84 -43.23
N LYS D 13 -12.12 -4.26 -42.94
CA LYS D 13 -13.37 -5.02 -42.89
C LYS D 13 -14.48 -4.36 -43.69
N LYS D 14 -15.37 -5.18 -44.19
CA LYS D 14 -16.52 -4.66 -44.90
C LYS D 14 -17.58 -4.20 -43.91
N PRO D 15 -18.40 -3.22 -44.30
CA PRO D 15 -19.51 -2.80 -43.43
C PRO D 15 -20.44 -3.97 -43.17
N GLY D 16 -20.90 -4.07 -41.93
CA GLY D 16 -21.79 -5.13 -41.50
C GLY D 16 -21.08 -6.37 -40.99
N SER D 17 -19.78 -6.49 -41.24
CA SER D 17 -19.03 -7.62 -40.72
C SER D 17 -18.64 -7.37 -39.27
N SER D 18 -17.90 -8.31 -38.71
CA SER D 18 -17.36 -8.23 -37.36
C SER D 18 -15.85 -8.34 -37.39
N VAL D 19 -15.23 -7.81 -36.34
CA VAL D 19 -13.80 -7.94 -36.11
C VAL D 19 -13.60 -8.46 -34.70
N LYS D 20 -12.60 -9.30 -34.50
CA LYS D 20 -12.20 -9.75 -33.16
C LYS D 20 -10.70 -9.49 -33.01
N VAL D 21 -10.35 -8.55 -32.12
CA VAL D 21 -8.97 -8.15 -31.87
C VAL D 21 -8.51 -8.83 -30.59
N SER D 22 -7.25 -9.23 -30.55
CA SER D 22 -6.71 -9.90 -29.39
C SER D 22 -5.63 -9.07 -28.72
N CYS D 23 -5.38 -9.40 -27.46
CA CYS D 23 -4.47 -8.65 -26.60
C CYS D 23 -3.83 -9.67 -25.65
N LYS D 24 -2.58 -10.03 -25.93
CA LYS D 24 -1.88 -11.08 -25.21
C LYS D 24 -0.95 -10.47 -24.15
N ALA D 25 -1.12 -10.90 -22.91
CA ALA D 25 -0.28 -10.43 -21.82
C ALA D 25 0.96 -11.28 -21.72
N SER D 26 2.13 -10.64 -21.67
CA SER D 26 3.40 -11.35 -21.50
C SER D 26 4.22 -10.67 -20.42
N GLY D 27 5.08 -11.45 -19.78
CA GLY D 27 5.77 -10.99 -18.59
C GLY D 27 4.88 -10.96 -17.37
N GLY D 28 3.77 -11.68 -17.39
CA GLY D 28 2.79 -11.66 -16.33
C GLY D 28 1.41 -12.00 -16.86
N THR D 29 0.71 -12.89 -16.18
CA THR D 29 -0.61 -13.35 -16.63
C THR D 29 -1.65 -12.26 -16.35
N PHE D 30 -2.93 -12.60 -16.48
CA PHE D 30 -3.95 -11.61 -16.15
C PHE D 30 -4.17 -11.52 -14.65
N SER D 31 -4.07 -12.65 -13.93
CA SER D 31 -4.25 -12.69 -12.48
C SER D 31 -5.53 -11.94 -12.13
N SER D 32 -5.50 -10.99 -11.19
CA SER D 32 -6.70 -10.28 -10.76
C SER D 32 -6.83 -8.92 -11.39
N TYR D 33 -6.18 -8.69 -12.53
CA TYR D 33 -6.20 -7.38 -13.15
C TYR D 33 -7.32 -7.28 -14.16
N ALA D 34 -7.87 -6.08 -14.29
CA ALA D 34 -8.82 -5.77 -15.34
C ALA D 34 -8.08 -5.29 -16.59
N ILE D 35 -8.65 -5.64 -17.74
CA ILE D 35 -8.20 -5.15 -19.04
C ILE D 35 -9.34 -4.40 -19.70
N SER D 36 -9.07 -3.18 -20.14
CA SER D 36 -10.06 -2.38 -20.86
C SER D 36 -9.72 -2.36 -22.33
N TRP D 37 -10.74 -2.05 -23.13
CA TRP D 37 -10.55 -1.71 -24.52
C TRP D 37 -10.96 -0.25 -24.71
N VAL D 38 -10.06 0.51 -25.34
CA VAL D 38 -10.18 1.95 -25.54
C VAL D 38 -9.91 2.18 -27.01
N ARG D 39 -10.81 2.87 -27.69
N ARG D 39 -10.85 2.83 -27.70
CA ARG D 39 -10.56 3.13 -29.08
CA ARG D 39 -10.71 3.13 -29.12
C ARG D 39 -10.38 4.62 -29.35
C ARG D 39 -10.35 4.60 -29.33
N GLN D 40 -9.79 4.88 -30.50
CA GLN D 40 -9.43 6.25 -30.86
C GLN D 40 -9.60 6.36 -32.38
N ALA D 41 -10.69 6.99 -32.80
CA ALA D 41 -10.90 7.25 -34.20
C ALA D 41 -9.81 8.20 -34.70
N PRO D 42 -9.51 8.20 -35.99
CA PRO D 42 -8.37 8.98 -36.49
C PRO D 42 -8.51 10.46 -36.16
N GLY D 43 -7.48 11.00 -35.50
CA GLY D 43 -7.45 12.40 -35.11
C GLY D 43 -8.38 12.76 -33.98
N GLN D 44 -9.00 11.78 -33.33
CA GLN D 44 -9.99 12.02 -32.28
C GLN D 44 -9.46 11.52 -30.95
N GLY D 45 -10.30 11.61 -29.92
CA GLY D 45 -9.91 11.29 -28.56
C GLY D 45 -10.09 9.83 -28.19
N LEU D 46 -9.61 9.51 -26.99
CA LEU D 46 -9.76 8.18 -26.43
C LEU D 46 -11.18 7.95 -25.94
N GLU D 47 -11.68 6.74 -26.12
N GLU D 47 -11.70 6.76 -26.18
CA GLU D 47 -13.06 6.40 -25.78
CA GLU D 47 -13.04 6.41 -25.75
C GLU D 47 -13.10 4.99 -25.21
C GLU D 47 -13.02 5.00 -25.16
N TRP D 48 -13.60 4.86 -23.98
CA TRP D 48 -13.63 3.55 -23.33
C TRP D 48 -14.79 2.74 -23.88
N MET D 49 -14.50 1.50 -24.22
CA MET D 49 -15.53 0.61 -24.71
C MET D 49 -16.06 -0.31 -23.62
N GLY D 50 -15.23 -0.56 -22.62
CA GLY D 50 -15.57 -1.49 -21.57
C GLY D 50 -14.31 -2.21 -21.14
N GLY D 51 -14.50 -3.15 -20.23
CA GLY D 51 -13.37 -3.91 -19.73
C GLY D 51 -13.85 -5.22 -19.15
N ILE D 52 -12.89 -6.06 -18.83
CA ILE D 52 -13.18 -7.37 -18.28
C ILE D 52 -12.28 -7.61 -17.08
N ILE D 53 -12.84 -8.24 -16.05
CA ILE D 53 -12.11 -8.62 -14.88
C ILE D 53 -12.19 -10.14 -14.76
N PRO D 54 -11.18 -10.85 -15.29
CA PRO D 54 -11.33 -12.31 -15.40
C PRO D 54 -11.60 -13.00 -14.08
N ILE D 55 -11.04 -12.50 -12.99
CA ILE D 55 -11.21 -13.19 -11.72
C ILE D 55 -12.67 -13.17 -11.26
N PHE D 56 -13.49 -12.26 -11.76
CA PHE D 56 -14.92 -12.27 -11.50
C PHE D 56 -15.72 -12.85 -12.66
N GLY D 57 -15.09 -13.11 -13.79
CA GLY D 57 -15.80 -13.57 -14.97
C GLY D 57 -16.86 -12.61 -15.44
N THR D 58 -16.64 -11.32 -15.29
CA THR D 58 -17.62 -10.34 -15.70
C THR D 58 -16.97 -9.26 -16.53
N ALA D 59 -17.69 -8.81 -17.55
CA ALA D 59 -17.27 -7.67 -18.33
C ALA D 59 -18.17 -6.49 -17.98
N ASN D 60 -17.59 -5.31 -18.02
CA ASN D 60 -18.27 -4.05 -17.80
C ASN D 60 -18.23 -3.28 -19.11
N TYR D 61 -19.38 -2.81 -19.57
CA TYR D 61 -19.45 -2.16 -20.86
C TYR D 61 -19.84 -0.69 -20.77
N ALA D 62 -19.35 0.07 -21.74
CA ALA D 62 -19.87 1.41 -21.98
C ALA D 62 -21.21 1.31 -22.70
N GLN D 63 -22.16 2.13 -22.27
CA GLN D 63 -23.50 2.07 -22.86
C GLN D 63 -23.46 2.24 -24.37
N LYS D 64 -22.47 2.97 -24.87
CA LYS D 64 -22.42 3.31 -26.29
C LYS D 64 -22.20 2.07 -27.16
N PHE D 65 -21.56 1.04 -26.61
CA PHE D 65 -21.20 -0.16 -27.37
C PHE D 65 -21.90 -1.40 -26.87
N GLN D 66 -22.72 -1.25 -25.81
N GLN D 66 -22.65 -1.30 -25.76
CA GLN D 66 -23.42 -2.37 -25.21
CA GLN D 66 -23.21 -2.49 -25.13
C GLN D 66 -24.27 -3.08 -26.24
C GLN D 66 -23.75 -3.49 -26.14
N GLY D 67 -24.08 -4.39 -26.35
N GLY D 67 -24.64 -3.04 -27.01
CA GLY D 67 -24.86 -5.21 -27.23
CA GLY D 67 -25.35 -3.95 -27.88
C GLY D 67 -24.27 -5.37 -28.61
C GLY D 67 -24.58 -4.52 -29.05
N ARG D 68 -23.31 -4.54 -29.00
N ARG D 68 -23.29 -4.20 -29.16
CA ARG D 68 -22.57 -4.72 -30.24
CA ARG D 68 -22.52 -4.62 -30.33
C ARG D 68 -21.17 -5.26 -30.01
C ARG D 68 -21.15 -5.21 -30.03
N VAL D 69 -20.51 -4.85 -28.94
CA VAL D 69 -19.20 -5.34 -28.61
C VAL D 69 -19.32 -6.42 -27.55
N THR D 70 -18.42 -7.38 -27.60
CA THR D 70 -18.27 -8.38 -26.56
C THR D 70 -16.81 -8.42 -26.19
N ILE D 71 -16.52 -8.30 -24.89
CA ILE D 71 -15.16 -8.37 -24.37
C ILE D 71 -15.04 -9.66 -23.57
N THR D 72 -13.99 -10.41 -23.84
CA THR D 72 -13.78 -11.69 -23.20
C THR D 72 -12.31 -11.81 -22.85
N ALA D 73 -11.99 -12.82 -22.03
CA ALA D 73 -10.62 -13.04 -21.62
C ALA D 73 -10.40 -14.51 -21.33
N ASP D 74 -9.28 -15.03 -21.80
CA ASP D 74 -8.91 -16.44 -21.63
C ASP D 74 -7.68 -16.49 -20.73
N GLU D 75 -7.88 -16.83 -19.46
CA GLU D 75 -6.76 -17.00 -18.56
C GLU D 75 -5.74 -18.02 -19.10
N SER D 76 -6.21 -19.04 -19.82
CA SER D 76 -5.29 -20.09 -20.24
C SER D 76 -4.20 -19.56 -21.16
N THR D 77 -4.49 -18.54 -21.97
CA THR D 77 -3.47 -17.93 -22.83
C THR D 77 -3.16 -16.50 -22.42
N SER D 78 -3.65 -16.06 -21.26
CA SER D 78 -3.61 -14.65 -20.85
C SER D 78 -3.86 -13.71 -22.04
N THR D 79 -4.96 -13.96 -22.75
CA THR D 79 -5.35 -13.15 -23.89
C THR D 79 -6.75 -12.60 -23.68
N ALA D 80 -6.91 -11.30 -23.87
CA ALA D 80 -8.21 -10.65 -23.87
C ALA D 80 -8.61 -10.37 -25.31
N TYR D 81 -9.92 -10.24 -25.52
CA TYR D 81 -10.43 -10.07 -26.86
C TYR D 81 -11.54 -9.02 -26.86
N MET D 82 -11.69 -8.36 -28.00
N MET D 82 -11.63 -8.29 -27.97
CA MET D 82 -12.75 -7.38 -28.25
CA MET D 82 -12.74 -7.42 -28.26
C MET D 82 -13.37 -7.75 -29.60
C MET D 82 -13.32 -7.91 -29.57
N GLU D 83 -14.61 -8.20 -29.59
CA GLU D 83 -15.33 -8.55 -30.80
C GLU D 83 -16.35 -7.44 -31.03
N LEU D 84 -16.25 -6.74 -32.14
CA LEU D 84 -17.17 -5.67 -32.46
C LEU D 84 -17.90 -6.03 -33.74
N ARG D 85 -19.23 -5.97 -33.68
CA ARG D 85 -20.10 -6.46 -34.73
C ARG D 85 -20.75 -5.32 -35.49
N SER D 86 -21.36 -5.66 -36.61
CA SER D 86 -22.14 -4.71 -37.41
C SER D 86 -21.33 -3.45 -37.71
N LEU D 87 -20.12 -3.66 -38.23
CA LEU D 87 -19.18 -2.57 -38.39
C LEU D 87 -19.70 -1.53 -39.35
N ARG D 88 -19.39 -0.27 -39.05
CA ARG D 88 -19.74 0.85 -39.91
C ARG D 88 -18.54 1.78 -39.97
N SER D 89 -18.65 2.82 -40.82
CA SER D 89 -17.51 3.69 -41.07
C SER D 89 -16.98 4.32 -39.79
N ASP D 90 -17.87 4.72 -38.87
CA ASP D 90 -17.45 5.35 -37.62
C ASP D 90 -16.77 4.39 -36.66
N ASP D 91 -16.66 3.11 -36.99
CA ASP D 91 -15.86 2.18 -36.20
C ASP D 91 -14.41 2.13 -36.68
N THR D 92 -14.06 2.82 -37.77
CA THR D 92 -12.66 2.95 -38.14
C THR D 92 -11.91 3.66 -37.00
N ALA D 93 -10.91 3.00 -36.46
CA ALA D 93 -10.21 3.52 -35.29
C ALA D 93 -9.07 2.60 -34.93
N VAL D 94 -8.16 3.13 -34.09
CA VAL D 94 -7.18 2.29 -33.41
C VAL D 94 -7.82 1.82 -32.11
N TYR D 95 -7.79 0.51 -31.89
CA TYR D 95 -8.29 -0.11 -30.68
C TYR D 95 -7.11 -0.51 -29.82
N TYR D 96 -7.08 -0.01 -28.59
CA TYR D 96 -6.04 -0.36 -27.64
C TYR D 96 -6.62 -1.22 -26.54
N CYS D 97 -5.83 -2.15 -26.03
CA CYS D 97 -6.14 -2.75 -24.74
C CYS D 97 -5.26 -2.09 -23.69
N ALA D 98 -5.75 -2.06 -22.45
CA ALA D 98 -4.99 -1.38 -21.42
C ALA D 98 -5.33 -1.94 -20.04
N ARG D 99 -4.29 -2.19 -19.26
N ARG D 99 -4.29 -2.15 -19.24
CA ARG D 99 -4.45 -2.82 -17.96
CA ARG D 99 -4.42 -2.82 -17.95
C ARG D 99 -4.74 -1.76 -16.90
C ARG D 99 -4.69 -1.80 -16.85
N ASP D 100 -5.72 -2.06 -16.06
CA ASP D 100 -6.00 -1.28 -14.84
C ASP D 100 -4.88 -1.53 -13.85
N ASN D 101 -4.24 -0.46 -13.37
CA ASN D 101 -3.07 -0.61 -12.50
C ASN D 101 -3.37 -1.33 -11.19
N LEU D 102 -4.61 -1.26 -10.70
CA LEU D 102 -4.93 -1.75 -9.36
C LEU D 102 -5.66 -3.09 -9.46
N GLY D 103 -4.96 -4.16 -9.10
CA GLY D 103 -5.56 -5.48 -9.16
C GLY D 103 -6.73 -5.61 -8.20
N TYR D 104 -7.57 -6.62 -8.46
CA TYR D 104 -8.78 -6.78 -7.68
C TYR D 104 -8.60 -7.70 -6.47
N CYS D 105 -7.58 -8.54 -6.47
CA CYS D 105 -7.44 -9.55 -5.43
C CYS D 105 -5.97 -9.71 -5.05
N SER D 106 -5.75 -10.09 -3.81
CA SER D 106 -4.43 -10.45 -3.32
C SER D 106 -4.62 -11.16 -2.01
N GLY D 107 -3.72 -12.10 -1.72
CA GLY D 107 -3.76 -12.77 -0.43
C GLY D 107 -5.06 -13.47 -0.12
N GLY D 108 -5.81 -13.89 -1.13
CA GLY D 108 -7.04 -14.63 -0.92
C GLY D 108 -8.25 -13.80 -0.60
N SER D 109 -8.25 -12.51 -0.93
CA SER D 109 -9.40 -11.64 -0.73
C SER D 109 -9.45 -10.66 -1.89
N CYS D 110 -10.62 -10.07 -2.10
CA CYS D 110 -10.87 -9.26 -3.28
C CYS D 110 -11.74 -8.05 -2.96
N TYR D 111 -11.58 -6.99 -3.74
CA TYR D 111 -12.41 -5.81 -3.57
C TYR D 111 -13.87 -6.11 -3.88
N SER D 112 -14.73 -5.28 -3.30
CA SER D 112 -16.17 -5.40 -3.44
C SER D 112 -16.72 -4.85 -4.74
N ASP D 113 -16.20 -3.74 -5.23
CA ASP D 113 -16.83 -2.95 -6.27
C ASP D 113 -15.95 -2.79 -7.49
N TYR D 114 -16.58 -2.70 -8.65
CA TYR D 114 -15.88 -2.36 -9.87
C TYR D 114 -15.55 -0.87 -9.83
N TYR D 115 -14.30 -0.56 -10.12
CA TYR D 115 -13.88 0.85 -10.20
C TYR D 115 -12.66 0.87 -11.10
N TYR D 116 -12.79 1.49 -12.28
CA TYR D 116 -11.68 1.50 -13.24
C TYR D 116 -10.73 2.61 -12.88
N TYR D 117 -9.54 2.22 -12.47
CA TYR D 117 -8.47 3.10 -12.03
C TYR D 117 -7.61 3.47 -13.22
N TYR D 118 -6.42 4.04 -12.99
CA TYR D 118 -5.65 4.45 -14.14
C TYR D 118 -5.07 3.23 -14.86
N MET D 119 -4.76 3.44 -16.11
CA MET D 119 -4.34 2.39 -17.02
C MET D 119 -2.83 2.50 -17.24
N ASP D 120 -2.08 1.55 -16.65
CA ASP D 120 -0.63 1.66 -16.66
C ASP D 120 0.00 1.06 -17.92
N VAL D 121 -0.41 -0.15 -18.30
CA VAL D 121 0.21 -0.87 -19.40
C VAL D 121 -0.78 -0.86 -20.56
N TRP D 122 -0.32 -0.38 -21.70
CA TRP D 122 -1.14 -0.30 -22.91
C TRP D 122 -0.54 -1.19 -23.98
N GLY D 123 -1.41 -1.85 -24.73
CA GLY D 123 -0.99 -2.50 -25.96
C GLY D 123 -0.60 -1.46 -27.00
N GLN D 124 -0.03 -1.95 -28.11
CA GLN D 124 0.47 -1.08 -29.15
C GLN D 124 -0.62 -0.55 -30.07
N GLY D 125 -1.84 -1.05 -29.92
CA GLY D 125 -2.96 -0.64 -30.75
C GLY D 125 -3.13 -1.50 -31.98
N THR D 126 -4.37 -1.63 -32.41
CA THR D 126 -4.75 -2.33 -33.65
C THR D 126 -5.66 -1.38 -34.42
N LEU D 127 -5.23 -1.02 -35.63
CA LEU D 127 -6.08 -0.24 -36.50
C LEU D 127 -7.11 -1.15 -37.16
N VAL D 128 -8.37 -0.79 -37.07
CA VAL D 128 -9.45 -1.44 -37.80
C VAL D 128 -10.05 -0.39 -38.74
N THR D 129 -10.07 -0.69 -40.04
CA THR D 129 -10.63 0.21 -41.03
C THR D 129 -11.83 -0.48 -41.63
N VAL D 130 -12.96 0.22 -41.63
CA VAL D 130 -14.19 -0.29 -42.20
C VAL D 130 -14.41 0.42 -43.52
N SER D 131 -14.55 -0.34 -44.61
CA SER D 131 -14.70 0.26 -45.92
C SER D 131 -16.13 0.79 -46.10
N SER D 132 -16.35 1.49 -47.21
CA SER D 132 -17.54 2.29 -47.36
C SER D 132 -18.78 1.43 -47.60
N GLY D 133 -19.93 1.98 -47.24
CA GLY D 133 -21.20 1.37 -47.52
C GLY D 133 -22.02 1.12 -46.27
N GLY D 134 -23.26 0.70 -46.50
CA GLY D 134 -24.19 0.47 -45.41
C GLY D 134 -24.27 1.65 -44.46
N ALA E 2 -29.02 8.02 -19.37
CA ALA E 2 -28.29 8.96 -18.54
C ALA E 2 -26.85 9.11 -18.99
N SER E 3 -26.49 10.32 -19.41
CA SER E 3 -25.14 10.52 -19.91
C SER E 3 -24.14 10.52 -18.76
N ASN E 4 -22.93 10.04 -19.05
CA ASN E 4 -21.83 10.26 -18.14
C ASN E 4 -21.61 11.76 -17.99
N PHE E 5 -20.97 12.15 -16.89
CA PHE E 5 -20.44 13.51 -16.84
C PHE E 5 -19.39 13.67 -17.94
N MET E 6 -19.17 14.93 -18.33
CA MET E 6 -18.14 15.24 -19.31
C MET E 6 -16.92 15.80 -18.59
N LEU E 7 -15.74 15.52 -19.14
CA LEU E 7 -14.51 16.20 -18.77
C LEU E 7 -14.10 17.04 -19.96
N THR E 8 -14.07 18.35 -19.79
CA THR E 8 -13.87 19.27 -20.90
C THR E 8 -12.48 19.88 -20.78
N GLN E 9 -11.67 19.70 -21.82
CA GLN E 9 -10.32 20.24 -21.96
C GLN E 9 -10.24 21.06 -23.25
N PRO E 10 -9.36 22.07 -23.31
CA PRO E 10 -9.16 22.77 -24.59
C PRO E 10 -8.51 21.86 -25.61
N ARG E 11 -8.95 21.95 -26.86
CA ARG E 11 -8.38 21.06 -27.88
C ARG E 11 -6.94 21.42 -28.22
N SER E 12 -6.57 22.69 -28.14
CA SER E 12 -5.26 23.14 -28.56
C SER E 12 -4.72 24.15 -27.57
N VAL E 13 -3.49 23.91 -27.09
CA VAL E 13 -2.80 24.85 -26.21
C VAL E 13 -1.38 25.01 -26.73
N SER E 14 -0.93 26.27 -26.85
CA SER E 14 0.40 26.57 -27.34
C SER E 14 1.11 27.49 -26.36
N GLU E 15 2.40 27.22 -26.14
CA GLU E 15 3.17 28.05 -25.22
C GLU E 15 4.65 28.01 -25.60
N SER E 16 5.35 29.06 -25.16
CA SER E 16 6.76 29.23 -25.42
C SER E 16 7.60 28.33 -24.53
N PRO E 17 8.74 27.87 -25.03
CA PRO E 17 9.62 27.04 -24.20
C PRO E 17 10.13 27.80 -22.98
N GLY E 18 10.36 27.04 -21.90
CA GLY E 18 10.83 27.62 -20.67
C GLY E 18 9.72 28.12 -19.75
N LYS E 19 8.52 28.34 -20.29
CA LYS E 19 7.42 28.83 -19.49
C LYS E 19 6.66 27.66 -18.87
N THR E 20 5.73 27.98 -17.99
CA THR E 20 4.85 27.00 -17.37
C THR E 20 3.51 27.05 -18.10
N VAL E 21 3.00 25.89 -18.48
CA VAL E 21 1.73 25.78 -19.17
C VAL E 21 0.83 24.92 -18.30
N THR E 22 -0.45 25.27 -18.28
CA THR E 22 -1.45 24.50 -17.55
C THR E 22 -2.55 24.06 -18.52
N ILE E 23 -2.96 22.82 -18.36
CA ILE E 23 -4.03 22.21 -19.14
C ILE E 23 -5.08 21.76 -18.14
N SER E 24 -6.30 22.23 -18.30
CA SER E 24 -7.35 21.93 -17.34
C SER E 24 -8.47 21.08 -17.91
N CYS E 25 -9.01 20.22 -17.05
N CYS E 25 -9.21 20.47 -16.99
CA CYS E 25 -10.20 19.44 -17.33
CA CYS E 25 -10.17 19.40 -17.24
C CYS E 25 -11.26 19.84 -16.33
C CYS E 25 -11.34 19.66 -16.29
N THR E 26 -12.45 20.19 -16.81
CA THR E 26 -13.57 20.58 -15.97
C THR E 26 -14.64 19.51 -16.03
N ARG E 27 -15.12 19.10 -14.87
CA ARG E 27 -16.15 18.07 -14.75
C ARG E 27 -17.53 18.72 -14.80
N SER E 28 -18.38 18.22 -15.71
CA SER E 28 -19.61 18.95 -16.02
C SER E 28 -20.69 18.79 -14.97
N SER E 29 -20.69 17.66 -14.24
CA SER E 29 -21.68 17.39 -13.21
C SER E 29 -21.05 16.43 -12.21
N GLY E 30 -21.47 16.56 -10.96
CA GLY E 30 -20.79 15.89 -9.87
C GLY E 30 -19.51 16.62 -9.51
N SER E 31 -18.99 16.28 -8.33
N SER E 31 -18.98 16.27 -8.34
CA SER E 31 -17.81 16.94 -7.80
CA SER E 31 -17.82 16.96 -7.80
C SER E 31 -16.54 16.34 -8.37
C SER E 31 -16.52 16.34 -8.32
N ILE E 32 -15.60 17.19 -8.78
CA ILE E 32 -14.32 16.71 -9.26
C ILE E 32 -13.60 15.88 -8.20
N GLY E 33 -13.78 16.23 -6.93
CA GLY E 33 -13.16 15.51 -5.82
C GLY E 33 -13.79 14.17 -5.51
N SER E 34 -14.91 13.85 -6.16
CA SER E 34 -15.59 12.58 -5.91
C SER E 34 -14.86 11.41 -6.52
N ASP E 35 -13.98 11.64 -7.49
CA ASP E 35 -13.31 10.56 -8.22
C ASP E 35 -11.93 11.04 -8.64
N TYR E 36 -10.95 10.15 -8.50
CA TYR E 36 -9.60 10.46 -8.94
C TYR E 36 -9.57 10.92 -10.38
N VAL E 37 -8.70 11.86 -10.69
CA VAL E 37 -8.38 12.24 -12.05
C VAL E 37 -6.94 11.85 -12.36
N HIS E 38 -6.74 11.22 -13.53
CA HIS E 38 -5.44 10.81 -14.01
C HIS E 38 -5.19 11.53 -15.33
N TRP E 39 -3.93 11.58 -15.72
CA TRP E 39 -3.51 12.24 -16.95
C TRP E 39 -2.56 11.35 -17.75
N TYR E 40 -2.82 11.27 -19.05
CA TYR E 40 -2.01 10.50 -19.97
C TYR E 40 -1.40 11.43 -21.01
N GLN E 41 -0.18 11.09 -21.43
CA GLN E 41 0.47 11.74 -22.57
C GLN E 41 0.43 10.77 -23.73
N GLN E 42 0.13 11.28 -24.93
CA GLN E 42 0.16 10.47 -26.13
C GLN E 42 0.94 11.17 -27.23
N ARG E 43 2.04 10.58 -27.64
CA ARG E 43 2.84 11.08 -28.74
C ARG E 43 2.36 10.50 -30.06
N PRO E 44 2.56 11.21 -31.16
CA PRO E 44 2.06 10.72 -32.45
C PRO E 44 2.53 9.30 -32.73
N GLY E 45 1.58 8.44 -33.09
CA GLY E 45 1.92 7.08 -33.47
C GLY E 45 2.25 6.17 -32.30
N SER E 46 2.07 6.65 -31.07
CA SER E 46 2.38 5.88 -29.88
C SER E 46 1.14 5.69 -29.02
N SER E 47 1.23 4.71 -28.14
CA SER E 47 0.18 4.46 -27.15
C SER E 47 0.29 5.47 -26.02
N PRO E 48 -0.83 5.78 -25.33
CA PRO E 48 -0.75 6.68 -24.18
C PRO E 48 0.14 6.11 -23.09
N THR E 49 0.73 7.03 -22.31
CA THR E 49 1.44 6.69 -21.08
C THR E 49 0.94 7.60 -19.97
N THR E 50 1.01 7.10 -18.73
CA THR E 50 0.54 7.90 -17.61
C THR E 50 1.59 8.94 -17.24
N VAL E 51 1.16 10.18 -17.04
CA VAL E 51 2.03 11.21 -16.50
C VAL E 51 1.65 11.61 -15.07
N ILE E 52 0.36 11.53 -14.71
CA ILE E 52 -0.12 11.78 -13.35
C ILE E 52 -1.25 10.79 -13.07
N TYR E 53 -1.27 10.23 -11.87
CA TYR E 53 -2.39 9.43 -11.42
C TYR E 53 -2.81 9.88 -10.03
N GLU E 54 -4.05 9.56 -9.66
CA GLU E 54 -4.57 9.87 -8.35
C GLU E 54 -4.46 11.36 -8.05
N ASP E 55 -4.83 12.17 -9.05
CA ASP E 55 -4.89 13.62 -8.94
C ASP E 55 -3.51 14.29 -9.06
N ASN E 56 -2.53 13.78 -8.33
CA ASN E 56 -1.27 14.50 -8.18
C ASN E 56 -0.04 13.60 -8.04
N GLN E 57 -0.14 12.30 -8.30
CA GLN E 57 0.98 11.40 -8.14
C GLN E 57 1.70 11.23 -9.46
N ARG E 58 3.02 11.17 -9.39
CA ARG E 58 3.83 11.08 -10.59
C ARG E 58 4.50 9.73 -10.67
N PRO E 59 4.31 8.98 -11.76
CA PRO E 59 5.02 7.71 -11.92
C PRO E 59 6.53 7.95 -11.96
N SER E 60 7.28 6.96 -11.48
CA SER E 60 8.73 7.03 -11.65
C SER E 60 9.04 7.15 -13.14
N GLY E 61 10.04 7.97 -13.44
CA GLY E 61 10.42 8.24 -14.81
C GLY E 61 9.79 9.46 -15.42
N VAL E 62 8.71 9.97 -14.84
CA VAL E 62 8.10 11.21 -15.38
C VAL E 62 8.81 12.38 -14.80
N PRO E 63 9.24 13.36 -15.62
CA PRO E 63 9.98 14.51 -15.09
C PRO E 63 9.20 15.24 -13.99
N ASP E 64 9.94 15.75 -13.00
CA ASP E 64 9.28 16.47 -11.93
C ASP E 64 8.71 17.82 -12.39
N ARG E 65 8.93 18.21 -13.66
CA ARG E 65 8.28 19.40 -14.20
C ARG E 65 6.78 19.19 -14.40
N PHE E 66 6.31 17.94 -14.39
CA PHE E 66 4.89 17.63 -14.53
C PHE E 66 4.26 17.52 -13.14
N SER E 67 3.14 18.21 -12.94
CA SER E 67 2.42 18.12 -11.68
C SER E 67 0.91 18.16 -11.93
N GLY E 68 0.15 17.59 -11.00
CA GLY E 68 -1.29 17.58 -11.09
C GLY E 68 -1.90 18.23 -9.86
N SER E 69 -3.05 18.84 -10.05
CA SER E 69 -3.75 19.47 -8.95
C SER E 69 -5.24 19.42 -9.22
N ILE E 70 -6.01 19.75 -8.19
CA ILE E 70 -7.46 19.77 -8.23
C ILE E 70 -7.93 21.11 -7.67
N ASP E 71 -8.88 21.74 -8.34
CA ASP E 71 -9.45 23.01 -7.87
C ASP E 71 -10.92 22.77 -7.64
N SER E 72 -11.33 22.57 -6.39
CA SER E 72 -12.74 22.32 -6.12
C SER E 72 -13.61 23.50 -6.52
N SER E 73 -13.12 24.74 -6.33
CA SER E 73 -13.99 25.87 -6.59
C SER E 73 -14.38 25.96 -8.07
N SER E 74 -13.54 25.49 -8.98
CA SER E 74 -13.89 25.50 -10.39
C SER E 74 -14.29 24.13 -10.90
N ASN E 75 -14.37 23.14 -10.01
CA ASN E 75 -14.70 21.76 -10.37
C ASN E 75 -13.78 21.19 -11.44
N SER E 76 -12.48 21.45 -11.31
CA SER E 76 -11.55 21.11 -12.37
C SER E 76 -10.32 20.44 -11.81
N ALA E 77 -9.65 19.71 -12.69
CA ALA E 77 -8.33 19.14 -12.46
C ALA E 77 -7.38 19.80 -13.45
N SER E 78 -6.11 19.92 -13.09
CA SER E 78 -5.14 20.55 -13.97
C SER E 78 -3.83 19.79 -14.00
N LEU E 79 -3.25 19.72 -15.19
CA LEU E 79 -1.89 19.26 -15.43
C LEU E 79 -1.05 20.49 -15.72
N THR E 80 0.01 20.66 -14.96
CA THR E 80 0.92 21.79 -15.10
C THR E 80 2.29 21.26 -15.50
N ILE E 81 2.87 21.87 -16.52
CA ILE E 81 4.21 21.52 -16.99
C ILE E 81 5.06 22.77 -16.89
N SER E 82 6.07 22.74 -16.02
CA SER E 82 7.01 23.85 -15.94
C SER E 82 8.18 23.61 -16.88
N GLY E 83 8.95 24.66 -17.13
CA GLY E 83 10.16 24.50 -17.92
C GLY E 83 9.88 23.86 -19.25
N LEU E 84 8.81 24.27 -19.91
CA LEU E 84 8.31 23.61 -21.09
C LEU E 84 9.40 23.44 -22.14
N LYS E 85 9.46 22.25 -22.73
CA LYS E 85 10.45 21.88 -23.72
C LYS E 85 9.75 21.27 -24.93
N THR E 86 10.39 21.41 -26.09
CA THR E 86 9.82 20.84 -27.31
C THR E 86 9.47 19.37 -27.12
N GLU E 87 10.23 18.66 -26.31
CA GLU E 87 9.93 17.24 -26.11
C GLU E 87 8.57 17.03 -25.45
N ASP E 88 8.00 18.04 -24.79
CA ASP E 88 6.70 17.88 -24.16
C ASP E 88 5.55 17.95 -25.17
N GLU E 89 5.83 18.29 -26.42
CA GLU E 89 4.76 18.33 -27.41
C GLU E 89 4.13 16.95 -27.52
N ALA E 90 2.81 16.92 -27.39
CA ALA E 90 2.07 15.66 -27.42
C ALA E 90 0.60 15.97 -27.16
N ASP E 91 -0.25 14.95 -27.19
CA ASP E 91 -1.63 15.11 -26.76
C ASP E 91 -1.73 14.63 -25.31
N TYR E 92 -2.53 15.33 -24.51
CA TYR E 92 -2.72 15.03 -23.09
C TYR E 92 -4.21 14.82 -22.82
N TYR E 93 -4.53 13.74 -22.12
CA TYR E 93 -5.89 13.39 -21.81
C TYR E 93 -6.05 13.26 -20.30
N CYS E 94 -7.09 13.85 -19.76
N CYS E 94 -7.11 13.85 -19.76
CA CYS E 94 -7.49 13.51 -18.40
CA CYS E 94 -7.54 13.55 -18.40
C CYS E 94 -8.47 12.33 -18.44
C CYS E 94 -8.56 12.40 -18.42
N GLN E 95 -8.68 11.72 -17.28
CA GLN E 95 -9.53 10.56 -17.18
C GLN E 95 -10.03 10.42 -15.76
N SER E 96 -11.31 10.06 -15.62
CA SER E 96 -11.92 9.83 -14.31
C SER E 96 -12.93 8.71 -14.47
N TYR E 97 -13.86 8.60 -13.54
CA TYR E 97 -14.80 7.49 -13.52
C TYR E 97 -16.15 8.01 -13.04
N ASP E 98 -17.22 7.55 -13.70
CA ASP E 98 -18.59 7.93 -13.37
C ASP E 98 -19.17 6.73 -12.61
N ARG E 99 -19.35 6.89 -11.30
CA ARG E 99 -19.80 5.82 -10.43
C ARG E 99 -21.27 5.46 -10.68
N SER E 100 -22.07 6.41 -11.17
CA SER E 100 -23.48 6.10 -11.39
C SER E 100 -23.67 5.19 -12.60
N ASN E 101 -22.91 5.43 -13.68
CA ASN E 101 -23.00 4.63 -14.88
C ASN E 101 -21.96 3.53 -14.93
N HIS E 102 -21.02 3.51 -13.97
CA HIS E 102 -19.94 2.55 -13.96
C HIS E 102 -19.12 2.60 -15.26
N GLU E 103 -18.69 3.80 -15.63
CA GLU E 103 -17.95 3.97 -16.86
C GLU E 103 -16.75 4.88 -16.66
N VAL E 104 -15.66 4.54 -17.34
CA VAL E 104 -14.53 5.46 -17.48
C VAL E 104 -14.95 6.66 -18.30
N VAL E 105 -14.47 7.85 -17.92
CA VAL E 105 -14.69 9.06 -18.70
C VAL E 105 -13.32 9.63 -19.06
N PHE E 106 -13.12 9.90 -20.34
CA PHE E 106 -11.94 10.62 -20.81
C PHE E 106 -12.31 12.02 -21.21
N GLY E 107 -11.41 12.98 -20.93
CA GLY E 107 -11.55 14.26 -21.58
C GLY E 107 -11.26 14.11 -23.08
N GLY E 108 -11.58 15.17 -23.82
CA GLY E 108 -11.41 15.16 -25.25
C GLY E 108 -9.99 15.25 -25.75
N GLY E 109 -9.03 15.54 -24.87
CA GLY E 109 -7.65 15.65 -25.29
C GLY E 109 -7.24 17.07 -25.61
N THR E 110 -6.01 17.40 -25.25
CA THR E 110 -5.41 18.70 -25.56
C THR E 110 -4.13 18.46 -26.33
N LYS E 111 -4.02 19.03 -27.53
CA LYS E 111 -2.76 18.99 -28.26
C LYS E 111 -1.91 20.16 -27.79
N LEU E 112 -0.76 19.86 -27.21
CA LEU E 112 0.15 20.88 -26.70
C LEU E 112 1.20 21.17 -27.74
N THR E 113 1.27 22.44 -28.16
CA THR E 113 2.28 22.91 -29.10
C THR E 113 3.26 23.79 -28.36
N VAL E 114 4.55 23.59 -28.65
CA VAL E 114 5.60 24.44 -28.12
C VAL E 114 5.99 25.40 -29.24
N LEU E 115 5.77 26.68 -28.97
CA LEU E 115 5.93 27.71 -29.99
C LEU E 115 7.40 27.88 -30.37
N GLU E 116 7.61 28.18 -31.64
CA GLU E 116 8.94 28.28 -32.20
C GLU E 116 9.38 29.70 -32.45
N ASN E 117 8.50 30.68 -32.26
CA ASN E 117 8.79 32.05 -32.63
C ASN E 117 9.40 32.77 -31.44
N LEU E 118 10.43 33.56 -31.70
CA LEU E 118 11.05 34.35 -30.66
C LEU E 118 10.20 35.57 -30.31
N TYR E 119 9.59 36.19 -31.31
CA TYR E 119 8.84 37.43 -31.16
C TYR E 119 7.39 37.23 -31.61
N PHE E 120 6.51 38.04 -31.04
CA PHE E 120 5.07 37.94 -31.23
C PHE E 120 4.53 39.18 -31.95
N GLN E 121 3.42 39.00 -32.65
CA GLN E 121 2.63 40.12 -33.18
C GLN E 121 1.64 40.55 -32.10
N GLN F 2 19.16 1.62 1.56
CA GLN F 2 20.05 0.79 2.43
C GLN F 2 20.60 1.64 3.58
N VAL F 3 19.70 2.30 4.31
CA VAL F 3 20.11 3.10 5.45
C VAL F 3 20.97 2.21 6.36
N GLN F 4 21.90 2.83 7.06
CA GLN F 4 22.61 2.19 8.14
C GLN F 4 22.37 3.04 9.39
N LEU F 5 22.46 2.41 10.54
CA LEU F 5 22.47 3.09 11.83
C LEU F 5 23.83 2.79 12.45
N VAL F 6 24.58 3.82 12.80
CA VAL F 6 25.92 3.67 13.36
C VAL F 6 25.94 4.24 14.77
N GLN F 7 26.30 3.40 15.74
CA GLN F 7 26.25 3.73 17.16
C GLN F 7 27.63 4.12 17.69
N SER F 8 27.61 4.82 18.81
CA SER F 8 28.83 5.13 19.54
C SER F 8 29.43 3.89 20.18
N GLY F 9 30.66 4.06 20.67
CA GLY F 9 31.46 2.95 21.12
C GLY F 9 31.20 2.50 22.55
N ALA F 10 31.79 1.36 22.86
CA ALA F 10 31.61 0.75 24.18
C ALA F 10 32.10 1.67 25.30
N GLU F 11 31.47 1.54 26.46
CA GLU F 11 31.80 2.33 27.64
C GLU F 11 31.76 1.46 28.87
N VAL F 12 32.59 1.84 29.84
CA VAL F 12 32.63 1.22 31.16
C VAL F 12 32.32 2.31 32.17
N LYS F 13 31.39 2.03 33.07
CA LYS F 13 30.80 3.05 33.91
C LYS F 13 30.74 2.58 35.36
N LYS F 14 30.83 3.57 36.28
CA LYS F 14 30.67 3.28 37.69
C LYS F 14 29.18 3.28 38.06
N PRO F 15 28.81 2.56 39.11
CA PRO F 15 27.41 2.55 39.53
C PRO F 15 26.94 3.95 39.88
N GLY F 16 25.69 4.23 39.53
CA GLY F 16 25.09 5.52 39.78
C GLY F 16 25.33 6.56 38.71
N SER F 17 26.24 6.30 37.77
CA SER F 17 26.53 7.21 36.70
C SER F 17 25.47 7.06 35.60
N SER F 18 25.63 7.84 34.53
CA SER F 18 24.74 7.76 33.38
C SER F 18 25.56 7.53 32.13
N VAL F 19 24.91 6.96 31.12
CA VAL F 19 25.51 6.77 29.82
C VAL F 19 24.55 7.33 28.78
N LYS F 20 25.10 7.93 27.72
CA LYS F 20 24.31 8.42 26.59
C LYS F 20 24.89 7.83 25.32
N VAL F 21 24.17 6.88 24.75
CA VAL F 21 24.59 6.19 23.54
C VAL F 21 23.93 6.88 22.36
N SER F 22 24.68 7.04 21.27
CA SER F 22 24.16 7.68 20.08
C SER F 22 23.97 6.68 18.95
N CYS F 23 23.18 7.10 17.95
CA CYS F 23 22.72 6.25 16.85
C CYS F 23 22.51 7.19 15.67
N LYS F 24 23.47 7.18 14.73
CA LYS F 24 23.46 8.11 13.61
C LYS F 24 22.88 7.40 12.40
N ALA F 25 21.84 7.97 11.81
CA ALA F 25 21.24 7.43 10.60
C ALA F 25 21.95 7.98 9.37
N SER F 26 22.31 7.09 8.46
CA SER F 26 22.77 7.51 7.14
C SER F 26 21.60 8.13 6.38
N GLY F 27 21.91 8.98 5.42
CA GLY F 27 20.89 9.58 4.59
C GLY F 27 20.36 10.92 5.06
N GLY F 28 20.77 11.37 6.24
CA GLY F 28 20.48 12.72 6.67
C GLY F 28 19.11 12.96 7.26
N THR F 29 18.32 11.92 7.52
CA THR F 29 16.96 12.13 7.99
C THR F 29 16.46 10.88 8.66
N PHE F 30 15.53 11.05 9.59
CA PHE F 30 14.72 9.98 10.11
C PHE F 30 13.38 9.85 9.38
N SER F 31 13.06 10.77 8.47
N SER F 31 13.06 10.76 8.46
CA SER F 31 11.78 10.69 7.76
CA SER F 31 11.78 10.72 7.77
C SER F 31 10.66 10.55 8.79
C SER F 31 10.68 10.52 8.81
N SER F 32 9.69 9.67 8.53
CA SER F 32 8.59 9.44 9.46
C SER F 32 8.78 8.14 10.23
N TYR F 33 9.99 7.65 10.32
CA TYR F 33 10.26 6.41 11.02
C TYR F 33 10.38 6.59 12.52
N ALA F 34 10.06 5.52 13.24
CA ALA F 34 10.39 5.38 14.64
C ALA F 34 11.72 4.66 14.81
N ILE F 35 12.44 5.04 15.88
CA ILE F 35 13.67 4.39 16.28
C ILE F 35 13.48 3.86 17.68
N SER F 36 13.73 2.57 17.86
CA SER F 36 13.68 1.97 19.18
C SER F 36 15.09 1.75 19.72
N TRP F 37 15.16 1.58 21.03
CA TRP F 37 16.35 1.07 21.70
C TRP F 37 15.99 -0.27 22.32
N VAL F 38 16.82 -1.26 22.04
CA VAL F 38 16.64 -2.64 22.48
C VAL F 38 17.94 -3.06 23.13
N ARG F 39 17.86 -3.65 24.31
CA ARG F 39 19.10 -4.09 24.93
C ARG F 39 19.12 -5.60 25.16
N GLN F 40 20.31 -6.08 25.42
CA GLN F 40 20.58 -7.50 25.56
C GLN F 40 21.66 -7.68 26.61
N ALA F 41 21.25 -8.08 27.81
CA ALA F 41 22.21 -8.35 28.86
C ALA F 41 22.97 -9.63 28.53
N PRO F 42 24.15 -9.81 29.12
CA PRO F 42 25.03 -10.92 28.69
C PRO F 42 24.35 -12.27 28.79
N GLY F 43 24.32 -12.97 27.63
CA GLY F 43 23.73 -14.29 27.55
C GLY F 43 22.23 -14.31 27.69
N GLN F 44 21.58 -13.16 27.62
N GLN F 44 21.59 -13.14 27.64
CA GLN F 44 20.14 -13.07 27.82
CA GLN F 44 20.17 -12.98 27.85
C GLN F 44 19.49 -12.59 26.52
C GLN F 44 19.49 -12.69 26.51
N GLY F 45 18.18 -12.39 26.58
CA GLY F 45 17.40 -12.07 25.39
C GLY F 45 17.28 -10.58 25.12
N LEU F 46 16.67 -10.28 23.98
CA LEU F 46 16.41 -8.90 23.60
C LEU F 46 15.29 -8.33 24.46
N GLU F 47 15.41 -7.04 24.80
N GLU F 47 15.45 -7.07 24.88
CA GLU F 47 14.47 -6.35 25.67
CA GLU F 47 14.43 -6.38 25.65
C GLU F 47 14.26 -4.93 25.15
C GLU F 47 14.26 -4.97 25.11
N TRP F 48 13.02 -4.57 24.86
CA TRP F 48 12.73 -3.24 24.35
C TRP F 48 12.74 -2.23 25.48
N MET F 49 13.41 -1.11 25.24
CA MET F 49 13.41 -0.05 26.24
C MET F 49 12.43 1.06 25.93
N GLY F 50 12.14 1.29 24.66
CA GLY F 50 11.28 2.36 24.24
C GLY F 50 11.67 2.77 22.83
N GLY F 51 11.03 3.83 22.36
CA GLY F 51 11.30 4.34 21.04
C GLY F 51 10.89 5.79 20.92
N ILE F 52 11.26 6.37 19.80
CA ILE F 52 10.93 7.75 19.51
C ILE F 52 10.50 7.89 18.06
N ILE F 53 9.51 8.76 17.85
CA ILE F 53 8.98 9.08 16.52
C ILE F 53 9.25 10.57 16.30
N PRO F 54 10.39 10.93 15.72
CA PRO F 54 10.72 12.36 15.61
C PRO F 54 9.67 13.17 14.88
N ILE F 55 9.00 12.61 13.87
CA ILE F 55 8.04 13.39 13.10
C ILE F 55 6.85 13.83 13.95
N PHE F 56 6.58 13.14 15.06
CA PHE F 56 5.54 13.54 15.98
C PHE F 56 6.11 14.24 17.23
N GLY F 57 7.41 14.14 17.45
CA GLY F 57 8.01 14.68 18.65
C GLY F 57 7.63 13.94 19.92
N THR F 58 7.35 12.64 19.82
CA THR F 58 6.88 11.85 20.93
C THR F 58 7.77 10.63 21.12
N ALA F 59 7.92 10.22 22.38
CA ALA F 59 8.64 8.99 22.73
C ALA F 59 7.74 8.08 23.55
N ASN F 60 8.02 6.78 23.45
CA ASN F 60 7.25 5.75 24.11
C ASN F 60 8.26 4.97 24.94
N TYR F 61 7.89 4.59 26.14
CA TYR F 61 8.81 3.87 26.99
C TYR F 61 8.23 2.56 27.52
N ALA F 62 9.12 1.61 27.72
CA ALA F 62 8.77 0.42 28.49
C ALA F 62 8.71 0.79 29.96
N GLN F 63 7.71 0.27 30.67
CA GLN F 63 7.50 0.63 32.07
C GLN F 63 8.74 0.34 32.90
N LYS F 64 9.51 -0.69 32.52
CA LYS F 64 10.71 -1.07 33.28
C LYS F 64 11.74 0.06 33.35
N PHE F 65 11.74 0.97 32.36
CA PHE F 65 12.75 2.01 32.25
C PHE F 65 12.16 3.41 32.36
N GLN F 66 10.85 3.54 32.49
CA GLN F 66 10.21 4.84 32.55
C GLN F 66 10.82 5.67 33.66
N GLY F 67 11.20 6.90 33.32
CA GLY F 67 11.71 7.85 34.27
C GLY F 67 13.20 7.75 34.53
N ARG F 68 13.83 6.67 34.08
CA ARG F 68 15.28 6.51 34.20
C ARG F 68 15.99 6.61 32.87
N VAL F 69 15.34 6.18 31.79
CA VAL F 69 15.86 6.34 30.46
C VAL F 69 15.17 7.53 29.80
N THR F 70 15.90 8.21 28.94
CA THR F 70 15.35 9.24 28.07
C THR F 70 15.84 8.91 26.66
N ILE F 71 14.90 8.83 25.73
CA ILE F 71 15.20 8.59 24.33
C ILE F 71 14.87 9.87 23.58
N THR F 72 15.83 10.37 22.81
CA THR F 72 15.67 11.59 22.05
C THR F 72 16.18 11.37 20.63
N ALA F 73 15.88 12.35 19.79
CA ALA F 73 16.40 12.29 18.44
C ALA F 73 16.47 13.72 17.93
N ASP F 74 17.46 13.98 17.12
CA ASP F 74 17.64 15.28 16.49
C ASP F 74 17.59 15.06 14.99
N GLU F 75 16.46 15.42 14.37
CA GLU F 75 16.33 15.29 12.93
C GLU F 75 17.44 16.05 12.23
N SER F 76 17.82 17.21 12.77
CA SER F 76 18.77 18.07 12.09
C SER F 76 20.16 17.46 12.00
N THR F 77 20.51 16.57 12.92
CA THR F 77 21.80 15.89 12.89
C THR F 77 21.63 14.40 12.62
N SER F 78 20.40 13.95 12.33
N SER F 78 20.41 13.97 12.25
CA SER F 78 20.11 12.56 11.99
CA SER F 78 20.04 12.56 12.02
C SER F 78 20.57 11.58 13.07
C SER F 78 20.64 11.62 13.07
N THR F 79 20.61 12.03 14.33
CA THR F 79 21.14 11.22 15.41
C THR F 79 20.10 11.02 16.49
N ALA F 80 19.93 9.77 16.91
CA ALA F 80 19.09 9.41 18.04
C ALA F 80 19.94 9.00 19.24
N TYR F 81 19.37 9.14 20.42
CA TYR F 81 20.12 8.91 21.64
C TYR F 81 19.30 8.16 22.68
N MET F 82 20.02 7.42 23.51
N MET F 82 20.01 7.37 23.48
CA MET F 82 19.47 6.75 24.67
CA MET F 82 19.45 6.76 24.67
C MET F 82 20.33 7.15 25.85
C MET F 82 20.34 7.18 25.83
N GLU F 83 19.75 7.86 26.82
CA GLU F 83 20.44 8.25 28.04
C GLU F 83 19.85 7.40 29.16
N LEU F 84 20.67 6.56 29.78
CA LEU F 84 20.22 5.70 30.86
C LEU F 84 20.94 6.14 32.13
N ARG F 85 20.17 6.44 33.16
CA ARG F 85 20.69 7.02 34.39
C ARG F 85 20.75 5.98 35.53
N SER F 86 21.42 6.37 36.61
CA SER F 86 21.50 5.57 37.83
C SER F 86 21.89 4.13 37.52
N LEU F 87 23.00 3.98 36.81
CA LEU F 87 23.38 2.67 36.28
C LEU F 87 23.66 1.71 37.43
N ARG F 88 23.29 0.45 37.20
CA ARG F 88 23.53 -0.64 38.14
C ARG F 88 23.96 -1.87 37.35
N SER F 89 24.23 -2.96 38.06
CA SER F 89 24.82 -4.13 37.41
C SER F 89 23.90 -4.74 36.37
N ASP F 90 22.59 -4.69 36.61
CA ASP F 90 21.63 -5.20 35.63
C ASP F 90 21.64 -4.39 34.33
N ASP F 91 22.29 -3.24 34.30
CA ASP F 91 22.38 -2.44 33.08
C ASP F 91 23.57 -2.78 32.21
N THR F 92 24.47 -3.66 32.67
CA THR F 92 25.50 -4.18 31.77
C THR F 92 24.82 -4.92 30.64
N ALA F 93 25.02 -4.46 29.41
CA ALA F 93 24.28 -5.00 28.29
C ALA F 93 24.83 -4.41 27.00
N VAL F 94 24.50 -5.08 25.88
CA VAL F 94 24.64 -4.45 24.57
C VAL F 94 23.34 -3.72 24.26
N TYR F 95 23.46 -2.46 23.87
CA TYR F 95 22.34 -1.60 23.54
C TYR F 95 22.30 -1.40 22.03
N TYR F 96 21.15 -1.65 21.42
CA TYR F 96 20.97 -1.51 19.98
C TYR F 96 19.93 -0.45 19.69
N CYS F 97 20.15 0.34 18.67
CA CYS F 97 19.05 1.10 18.11
C CYS F 97 18.51 0.36 16.89
N ALA F 98 17.24 0.56 16.58
CA ALA F 98 16.63 -0.20 15.51
C ALA F 98 15.43 0.53 14.94
N ARG F 99 15.36 0.58 13.62
CA ARG F 99 14.32 1.30 12.93
C ARG F 99 13.08 0.43 12.77
N ASP F 100 11.93 1.01 13.05
CA ASP F 100 10.62 0.41 12.74
C ASP F 100 10.39 0.51 11.24
N ASN F 101 10.12 -0.62 10.60
CA ASN F 101 10.07 -0.65 9.14
C ASN F 101 8.92 0.19 8.58
N LEU F 102 7.84 0.37 9.34
CA LEU F 102 6.62 1.01 8.81
C LEU F 102 6.60 2.47 9.24
N GLY F 103 6.83 3.36 8.29
CA GLY F 103 6.80 4.78 8.59
C GLY F 103 5.42 5.22 9.07
N TYR F 104 5.42 6.37 9.77
CA TYR F 104 4.19 6.90 10.31
C TYR F 104 3.49 7.83 9.35
N CYS F 105 4.17 8.36 8.33
CA CYS F 105 3.55 9.34 7.46
C CYS F 105 3.97 9.14 6.01
N SER F 106 3.12 9.61 5.11
CA SER F 106 3.41 9.64 3.69
C SER F 106 2.33 10.44 3.00
N GLY F 107 2.71 11.11 1.92
CA GLY F 107 1.77 11.88 1.14
C GLY F 107 1.02 12.94 1.92
N GLY F 108 1.59 13.45 3.01
CA GLY F 108 0.93 14.50 3.76
C GLY F 108 -0.09 14.05 4.77
N SER F 109 -0.08 12.77 5.16
CA SER F 109 -0.98 12.28 6.19
C SER F 109 -0.24 11.22 6.99
N CYS F 110 -0.76 10.91 8.16
CA CYS F 110 -0.02 10.10 9.11
C CYS F 110 -0.96 9.16 9.86
N TYR F 111 -0.41 8.04 10.34
CA TYR F 111 -1.19 7.15 11.17
C TYR F 111 -1.54 7.82 12.50
N SER F 112 -2.62 7.35 13.11
CA SER F 112 -3.18 7.89 14.33
C SER F 112 -2.57 7.32 15.59
N ASP F 113 -2.15 6.05 15.60
CA ASP F 113 -1.82 5.37 16.84
C ASP F 113 -0.41 4.82 16.78
N TYR F 114 0.21 4.72 17.94
CA TYR F 114 1.50 4.08 18.04
C TYR F 114 1.31 2.57 17.90
N TYR F 115 2.17 1.95 17.10
CA TYR F 115 2.22 0.49 17.03
C TYR F 115 3.59 0.10 16.50
N TYR F 116 4.41 -0.56 17.34
CA TYR F 116 5.77 -0.90 16.98
C TYR F 116 5.74 -2.19 16.15
N TYR F 117 6.11 -2.04 14.89
CA TYR F 117 6.12 -3.08 13.87
C TYR F 117 7.51 -3.72 13.88
N TYR F 118 7.87 -4.46 12.83
CA TYR F 118 9.16 -5.12 12.87
C TYR F 118 10.28 -4.13 12.64
N MET F 119 11.46 -4.53 13.10
CA MET F 119 12.64 -3.68 13.14
C MET F 119 13.55 -4.12 12.01
N ASP F 120 13.63 -3.30 10.96
CA ASP F 120 14.36 -3.76 9.78
C ASP F 120 15.84 -3.43 9.85
N VAL F 121 16.21 -2.20 10.20
CA VAL F 121 17.59 -1.75 10.22
C VAL F 121 18.03 -1.63 11.66
N TRP F 122 19.11 -2.33 12.00
CA TRP F 122 19.67 -2.31 13.35
C TRP F 122 21.07 -1.69 13.35
N GLY F 123 21.34 -0.91 14.38
CA GLY F 123 22.71 -0.49 14.63
C GLY F 123 23.58 -1.66 15.03
N GLN F 124 24.88 -1.40 15.17
CA GLN F 124 25.84 -2.47 15.44
C GLN F 124 25.91 -2.87 16.90
N GLY F 125 25.25 -2.13 17.77
CA GLY F 125 25.25 -2.38 19.20
C GLY F 125 26.37 -1.62 19.89
N THR F 126 26.12 -1.28 21.16
CA THR F 126 27.09 -0.61 22.03
C THR F 126 27.10 -1.33 23.37
N LEU F 127 28.25 -1.89 23.75
CA LEU F 127 28.38 -2.51 25.05
C LEU F 127 28.58 -1.44 26.11
N VAL F 128 27.74 -1.48 27.14
CA VAL F 128 27.92 -0.68 28.34
C VAL F 128 28.13 -1.65 29.49
N THR F 129 29.26 -1.52 30.19
CA THR F 129 29.56 -2.37 31.33
C THR F 129 29.55 -1.50 32.58
N VAL F 130 28.80 -1.92 33.59
CA VAL F 130 28.66 -1.17 34.83
C VAL F 130 29.35 -1.97 35.92
N SER F 131 30.23 -1.31 36.69
CA SER F 131 30.91 -2.00 37.80
C SER F 131 29.95 -2.16 38.99
N SER F 132 30.40 -2.92 39.99
CA SER F 132 29.50 -3.46 40.99
C SER F 132 29.16 -2.45 42.09
N GLY F 133 28.14 -2.80 42.86
CA GLY F 133 27.76 -2.03 44.03
C GLY F 133 26.65 -1.06 43.75
N GLY F 134 26.42 -0.19 44.73
CA GLY F 134 25.38 0.83 44.62
C GLY F 134 24.16 0.53 45.48
#